data_4O3W
#
_entry.id   4O3W
#
_cell.length_a   90.810
_cell.length_b   74.510
_cell.length_c   106.600
_cell.angle_alpha   90.000
_cell.angle_beta   105.800
_cell.angle_gamma   90.000
#
_symmetry.space_group_name_H-M   'P 1 21 1'
#
loop_
_entity.id
_entity.type
_entity.pdbx_description
1 polymer 'Transferrin binding protein B'
2 non-polymer GLYCEROL
3 non-polymer 'SULFATE ION'
4 water water
#
_entity_poly.entity_id   1
_entity_poly.type   'polypeptide(L)'
_entity_poly.pdbx_seq_one_letter_code
;GSFDLEDVRPNQTAKAEKATTSYQDEETKKKTKEELDKLMEPTLGVEAKIPRRNRALADKEGNRKATPDTTDELSEAQIM
AIWNENIDEIPHLKELNDKTTSGLIYHSHDGKQEDKKRNLQYVRSGYVFDESYSEIVKNKNGVPYIFKNGIDGYIYYLGT
SPSKELPKGNKVTYKGTWDFTSDVKTSYELSGFSDAGNGKNVAATSISDNVNRDHKVGEKLGDNEVKGVAHSSEFAVDFD
NKKLTGSLYRNGYINRNKAQEVTKRYSIEADITGNRFRGKAKAEKAGDPIFTDSNYLEGGFYGPKAEEMAGKFFTNNKSL
FAVFAAKSENGETTTERIIDATKIDLTQFNAKELNNFGDASVLIIDGQKIDLAGVNFKNSKTVEINGKTMVAVACCSNLE
YMKFGQLWQKEGKQQVKDNSLFLQGERTATDKMPAGGNYKYVGTWDALVSKGTNWIAEADNNRESGYRTEFDVNFSDKKV
NGKLFDKGGVNPVFTVDATINGNGFIGSAKTSDSGFALDAGSSQHGNAVFSDIKVNGGFYGPTAGELGGQFHHKSDNGSV
GAVFGAKRQIEK
;
_entity_poly.pdbx_strand_id   A,B
#
loop_
_chem_comp.id
_chem_comp.type
_chem_comp.name
_chem_comp.formula
GOL non-polymer GLYCEROL 'C3 H8 O3'
SO4 non-polymer 'SULFATE ION' 'O4 S -2'
#
# COMPACT_ATOMS: atom_id res chain seq x y z
N SER A 22 -7.57 -33.99 -34.14
CA SER A 22 -6.18 -34.28 -33.81
C SER A 22 -5.80 -33.77 -32.42
N TYR A 23 -6.80 -33.40 -31.63
CA TYR A 23 -6.58 -32.78 -30.33
C TYR A 23 -7.08 -33.63 -29.14
N GLN A 24 -6.38 -33.56 -28.01
CA GLN A 24 -6.84 -34.19 -26.77
C GLN A 24 -6.35 -33.44 -25.51
N ASP A 25 -6.99 -33.70 -24.38
CA ASP A 25 -6.65 -33.04 -23.12
C ASP A 25 -5.20 -33.23 -22.73
N GLU A 26 -4.49 -32.14 -22.43
CA GLU A 26 -3.13 -32.26 -21.93
C GLU A 26 -3.17 -33.03 -20.61
N GLU A 27 -2.15 -33.84 -20.37
CA GLU A 27 -2.12 -34.63 -19.16
C GLU A 27 -1.40 -33.88 -18.07
N THR A 28 -2.16 -33.47 -17.07
CA THR A 28 -1.66 -32.72 -15.95
C THR A 28 -1.80 -33.52 -14.66
N LYS A 29 -0.93 -33.25 -13.70
CA LYS A 29 -0.95 -33.96 -12.43
C LYS A 29 -2.15 -33.49 -11.61
N LYS A 30 -2.84 -34.45 -11.00
CA LYS A 30 -4.02 -34.12 -10.20
C LYS A 30 -3.65 -33.19 -9.06
N LYS A 31 -4.59 -32.33 -8.69
CA LYS A 31 -4.42 -31.45 -7.56
C LYS A 31 -4.25 -32.31 -6.30
N THR A 32 -3.24 -31.98 -5.51
CA THR A 32 -2.98 -32.70 -4.27
C THR A 32 -4.14 -32.48 -3.31
N LYS A 33 -4.67 -33.57 -2.75
CA LYS A 33 -5.79 -33.46 -1.81
C LYS A 33 -5.26 -33.30 -0.40
N GLU A 34 -5.81 -32.33 0.32
CA GLU A 34 -5.40 -32.10 1.70
C GLU A 34 -6.53 -32.49 2.65
N GLU A 35 -6.19 -33.01 3.81
CA GLU A 35 -7.18 -33.26 4.84
C GLU A 35 -6.90 -32.40 6.06
N LEU A 36 -7.75 -31.41 6.27
CA LEU A 36 -7.58 -30.50 7.40
C LEU A 36 -8.15 -31.11 8.67
N ASP A 37 -7.44 -30.95 9.78
CA ASP A 37 -8.08 -31.06 11.10
C ASP A 37 -9.24 -30.09 11.14
N LYS A 38 -10.25 -30.42 11.94
CA LYS A 38 -11.49 -29.65 11.98
C LYS A 38 -11.24 -28.17 12.24
N LEU A 39 -10.40 -27.86 13.24
CA LEU A 39 -10.06 -26.48 13.58
C LEU A 39 -9.38 -25.71 12.45
N MET A 40 -8.81 -26.40 11.47
CA MET A 40 -8.12 -25.71 10.40
C MET A 40 -9.02 -25.53 9.20
N GLU A 41 -10.26 -26.00 9.29
CA GLU A 41 -11.26 -25.76 8.24
C GLU A 41 -11.69 -24.29 8.22
N PRO A 42 -11.79 -23.68 7.03
CA PRO A 42 -12.16 -22.26 6.94
C PRO A 42 -13.64 -21.99 7.12
N THR A 43 -13.97 -20.91 7.80
CA THR A 43 -15.36 -20.49 7.97
C THR A 43 -15.43 -18.96 7.98
N LEU A 44 -16.63 -18.40 7.78
CA LEU A 44 -16.81 -16.95 7.82
C LEU A 44 -16.45 -16.42 9.20
N GLY A 45 -16.87 -17.16 10.24
CA GLY A 45 -16.54 -16.83 11.61
C GLY A 45 -16.43 -18.02 12.53
N VAL A 46 -16.01 -17.76 13.77
CA VAL A 46 -15.89 -18.77 14.81
C VAL A 46 -16.29 -18.16 16.17
N GLU A 47 -16.98 -18.90 17.02
CA GLU A 47 -17.27 -18.41 18.37
C GLU A 47 -17.04 -19.49 19.43
N ALA A 48 -16.82 -19.09 20.66
CA ALA A 48 -16.79 -20.01 21.81
C ALA A 48 -17.35 -19.31 23.04
N LYS A 49 -18.16 -20.05 23.78
CA LYS A 49 -18.76 -19.61 25.01
C LYS A 49 -17.71 -19.45 26.11
N ILE A 50 -17.86 -18.43 26.94
CA ILE A 50 -16.93 -18.17 28.05
C ILE A 50 -17.23 -19.16 29.17
N PRO A 51 -16.22 -19.95 29.60
CA PRO A 51 -16.46 -20.98 30.61
C PRO A 51 -16.77 -20.39 31.97
N ARG A 52 -17.60 -21.11 32.72
CA ARG A 52 -18.11 -20.70 34.03
C ARG A 52 -18.15 -21.96 34.86
N ARG A 53 -17.58 -21.95 36.06
CA ARG A 53 -17.61 -23.14 36.91
C ARG A 53 -19.02 -23.43 37.40
N ASN A 54 -19.41 -24.70 37.38
CA ASN A 54 -20.65 -25.13 38.03
C ASN A 54 -20.42 -25.21 39.53
N ARG A 55 -21.12 -24.38 40.28
CA ARG A 55 -20.94 -24.28 41.72
C ARG A 55 -21.97 -25.10 42.50
N ALA A 56 -22.86 -25.77 41.80
CA ALA A 56 -23.90 -26.60 42.45
C ALA A 56 -23.30 -27.71 43.31
N LEU A 57 -24.03 -28.12 44.34
CA LEU A 57 -23.46 -29.09 45.29
C LEU A 57 -24.04 -30.48 45.07
N ALA A 58 -25.06 -30.58 44.24
CA ALA A 58 -25.68 -31.88 43.97
C ALA A 58 -25.70 -32.15 42.48
N ASP A 59 -25.79 -33.41 42.09
CA ASP A 59 -25.92 -33.73 40.67
C ASP A 59 -27.39 -33.86 40.24
N LYS A 60 -27.60 -34.10 38.96
CA LYS A 60 -28.95 -34.13 38.40
C LYS A 60 -29.85 -35.21 39.03
N GLU A 61 -29.26 -36.31 39.52
CA GLU A 61 -30.05 -37.34 40.19
C GLU A 61 -30.34 -36.96 41.65
N GLY A 62 -29.94 -35.76 42.04
CA GLY A 62 -30.23 -35.28 43.37
C GLY A 62 -29.29 -35.70 44.48
N ASN A 63 -28.15 -36.31 44.13
CA ASN A 63 -27.21 -36.69 45.17
C ASN A 63 -26.07 -35.71 45.32
N ARG A 64 -25.60 -35.60 46.55
CA ARG A 64 -24.54 -34.66 46.88
C ARG A 64 -23.24 -35.02 46.18
N LYS A 65 -22.57 -34.01 45.62
CA LYS A 65 -21.26 -34.22 45.00
C LYS A 65 -20.25 -34.41 46.11
N ALA A 66 -19.37 -35.39 45.96
CA ALA A 66 -18.32 -35.60 46.97
C ALA A 66 -17.50 -34.31 47.07
N THR A 67 -17.20 -33.74 45.91
CA THR A 67 -16.54 -32.45 45.80
C THR A 67 -17.23 -31.62 44.71
N PRO A 68 -17.41 -30.32 44.94
CA PRO A 68 -17.85 -29.43 43.86
C PRO A 68 -16.89 -29.45 42.65
N ASP A 69 -17.38 -29.16 41.45
CA ASP A 69 -16.51 -29.06 40.27
C ASP A 69 -15.34 -28.13 40.53
N THR A 70 -14.16 -28.55 40.10
CA THR A 70 -12.98 -27.69 40.20
C THR A 70 -12.62 -27.09 38.85
N THR A 71 -13.33 -27.49 37.80
CA THR A 71 -12.98 -27.08 36.44
C THR A 71 -14.17 -26.84 35.54
N ASP A 72 -13.93 -26.10 34.47
CA ASP A 72 -14.83 -26.06 33.34
C ASP A 72 -13.98 -25.87 32.10
N GLU A 73 -13.86 -26.93 31.32
CA GLU A 73 -12.83 -27.04 30.28
C GLU A 73 -13.22 -26.36 29.00
N LEU A 74 -12.21 -26.02 28.21
CA LEU A 74 -12.41 -25.64 26.82
C LEU A 74 -12.21 -26.88 25.97
N SER A 75 -12.98 -27.04 24.90
CA SER A 75 -12.78 -28.16 23.99
C SER A 75 -13.10 -27.78 22.58
N GLU A 76 -12.61 -28.59 21.66
CA GLU A 76 -12.74 -28.31 20.25
C GLU A 76 -14.21 -28.34 19.87
N ALA A 77 -14.99 -29.13 20.60
CA ALA A 77 -16.44 -29.18 20.38
C ALA A 77 -17.15 -27.90 20.78
N GLN A 78 -16.53 -27.08 21.61
CA GLN A 78 -17.17 -25.84 22.06
C GLN A 78 -16.81 -24.69 21.14
N ILE A 79 -15.90 -24.95 20.21
CA ILE A 79 -15.46 -23.94 19.27
C ILE A 79 -16.30 -24.06 18.01
N MET A 80 -17.22 -23.13 17.82
CA MET A 80 -18.25 -23.29 16.80
C MET A 80 -18.09 -22.37 15.62
N ALA A 81 -18.28 -22.92 14.43
CA ALA A 81 -18.33 -22.11 13.22
C ALA A 81 -19.60 -21.29 13.18
N ILE A 82 -19.51 -20.04 12.72
CA ILE A 82 -20.68 -19.23 12.53
C ILE A 82 -20.67 -18.61 11.15
N TRP A 83 -21.81 -18.13 10.68
CA TRP A 83 -21.90 -17.80 9.28
C TRP A 83 -22.91 -16.71 8.94
N ASN A 84 -23.29 -15.90 9.93
CA ASN A 84 -24.26 -14.82 9.70
C ASN A 84 -23.77 -13.89 8.60
N GLU A 85 -24.68 -13.55 7.68
CA GLU A 85 -24.37 -12.66 6.57
C GLU A 85 -24.25 -11.20 7.00
N ASN A 86 -25.01 -10.85 8.03
CA ASN A 86 -25.13 -9.46 8.47
C ASN A 86 -24.22 -9.21 9.68
N ILE A 87 -23.08 -8.58 9.47
CA ILE A 87 -22.14 -8.43 10.55
C ILE A 87 -22.57 -7.43 11.59
N ASP A 88 -23.55 -6.60 11.28
CA ASP A 88 -24.11 -5.65 12.23
C ASP A 88 -25.01 -6.34 13.26
N GLU A 89 -25.43 -7.54 12.91
CA GLU A 89 -26.13 -8.40 13.84
C GLU A 89 -25.07 -9.14 14.68
N ILE A 90 -24.79 -8.63 15.87
CA ILE A 90 -23.74 -9.20 16.72
C ILE A 90 -24.20 -10.55 17.27
N PRO A 91 -23.36 -11.60 17.14
CA PRO A 91 -23.73 -12.95 17.62
C PRO A 91 -24.26 -12.96 19.05
N HIS A 92 -25.41 -13.58 19.24
CA HIS A 92 -26.00 -13.74 20.55
C HIS A 92 -26.43 -12.44 21.28
N LEU A 93 -26.31 -11.30 20.61
CA LEU A 93 -26.59 -10.04 21.28
C LEU A 93 -28.07 -9.96 21.67
N LYS A 94 -28.95 -10.37 20.75
CA LYS A 94 -30.39 -10.42 21.00
C LYS A 94 -30.77 -11.47 22.04
N GLU A 95 -30.15 -12.65 21.97
CA GLU A 95 -30.38 -13.69 22.97
C GLU A 95 -30.04 -13.18 24.36
N LEU A 96 -28.90 -12.51 24.50
CA LEU A 96 -28.47 -12.00 25.80
C LEU A 96 -29.42 -10.91 26.33
N ASN A 97 -29.83 -9.97 25.46
CA ASN A 97 -30.79 -8.94 25.89
C ASN A 97 -32.14 -9.53 26.30
N ASP A 98 -32.58 -10.58 25.63
CA ASP A 98 -33.88 -11.15 25.96
C ASP A 98 -33.89 -11.80 27.34
N LYS A 99 -32.77 -12.36 27.78
CA LYS A 99 -32.75 -13.10 29.03
C LYS A 99 -32.09 -12.36 30.22
N THR A 100 -31.47 -11.22 29.97
CA THR A 100 -30.74 -10.49 31.03
C THR A 100 -31.67 -10.00 32.15
N THR A 101 -31.19 -10.09 33.37
CA THR A 101 -31.87 -9.46 34.49
C THR A 101 -30.99 -8.32 35.01
N SER A 102 -29.82 -8.15 34.39
CA SER A 102 -28.89 -7.13 34.84
C SER A 102 -29.06 -5.81 34.09
N GLY A 103 -29.47 -5.91 32.83
CA GLY A 103 -29.42 -4.77 31.92
C GLY A 103 -28.00 -4.34 31.55
N LEU A 104 -27.02 -5.19 31.82
CA LEU A 104 -25.64 -4.82 31.59
C LEU A 104 -25.07 -5.67 30.47
N ILE A 105 -25.47 -5.35 29.26
CA ILE A 105 -25.03 -6.02 28.04
C ILE A 105 -23.99 -5.21 27.28
N TYR A 106 -22.87 -5.84 26.97
CA TYR A 106 -21.79 -5.14 26.31
C TYR A 106 -21.21 -5.97 25.17
N HIS A 107 -20.60 -5.30 24.20
CA HIS A 107 -19.80 -6.02 23.23
C HIS A 107 -18.69 -5.14 22.69
N SER A 108 -17.69 -5.79 22.11
CA SER A 108 -16.40 -5.21 21.82
C SER A 108 -16.44 -4.17 20.71
N HIS A 109 -17.57 -4.09 19.98
CA HIS A 109 -17.74 -3.03 19.00
C HIS A 109 -18.79 -1.99 19.41
N ASP A 110 -19.17 -1.93 20.69
CA ASP A 110 -20.33 -1.10 21.05
C ASP A 110 -19.99 0.38 21.25
N GLY A 111 -18.71 0.73 21.10
CA GLY A 111 -18.29 2.12 21.10
C GLY A 111 -18.29 2.89 22.41
N LYS A 112 -18.61 2.25 23.53
CA LYS A 112 -18.84 2.98 24.80
C LYS A 112 -17.56 3.25 25.58
N GLN A 113 -16.46 2.67 25.14
CA GLN A 113 -15.13 2.95 25.68
C GLN A 113 -14.13 2.92 24.53
N GLU A 114 -12.95 3.51 24.72
CA GLU A 114 -11.95 3.57 23.66
C GLU A 114 -11.58 2.18 23.11
N ASP A 115 -11.52 1.17 23.97
CA ASP A 115 -11.12 -0.16 23.53
C ASP A 115 -12.26 -0.87 22.80
N LYS A 116 -13.44 -0.28 22.80
CA LYS A 116 -14.59 -0.86 22.11
C LYS A 116 -15.00 -0.02 20.89
N LYS A 117 -14.12 0.92 20.53
CA LYS A 117 -14.25 1.66 19.26
C LYS A 117 -13.33 1.00 18.26
N ARG A 118 -13.89 0.20 17.37
CA ARG A 118 -13.06 -0.63 16.50
C ARG A 118 -13.58 -0.52 15.07
N ASN A 119 -12.94 0.35 14.30
CA ASN A 119 -13.50 0.74 13.03
C ASN A 119 -13.07 -0.24 11.95
N LEU A 120 -13.87 -1.30 11.79
CA LEU A 120 -13.63 -2.28 10.75
C LEU A 120 -14.83 -2.28 9.83
N GLN A 121 -14.61 -2.57 8.55
CA GLN A 121 -15.70 -2.54 7.62
C GLN A 121 -16.29 -3.92 7.32
N TYR A 122 -15.44 -4.94 7.30
CA TYR A 122 -15.86 -6.26 6.86
C TYR A 122 -15.81 -7.32 7.97
N VAL A 123 -15.29 -6.94 9.13
CA VAL A 123 -15.04 -7.87 10.20
C VAL A 123 -15.64 -7.38 11.52
N ARG A 124 -16.10 -8.31 12.35
CA ARG A 124 -16.42 -8.01 13.73
C ARG A 124 -15.73 -9.03 14.61
N SER A 125 -15.12 -8.60 15.71
CA SER A 125 -14.58 -9.60 16.61
C SER A 125 -14.52 -9.14 18.03
N GLY A 126 -14.26 -10.09 18.90
CA GLY A 126 -13.92 -9.82 20.29
C GLY A 126 -14.83 -10.57 21.22
N TYR A 127 -15.80 -9.86 21.80
CA TYR A 127 -16.67 -10.48 22.79
C TYR A 127 -18.04 -9.82 22.81
N VAL A 128 -18.99 -10.58 23.36
CA VAL A 128 -20.34 -10.09 23.59
C VAL A 128 -20.79 -10.78 24.86
N PHE A 129 -21.26 -10.01 25.83
CA PHE A 129 -21.53 -10.62 27.13
C PHE A 129 -22.51 -9.84 27.99
N ASP A 130 -23.09 -10.58 28.94
CA ASP A 130 -23.89 -10.03 30.03
C ASP A 130 -22.97 -10.00 31.24
N GLU A 131 -22.83 -8.84 31.84
CA GLU A 131 -21.90 -8.67 32.93
C GLU A 131 -22.22 -9.60 34.10
N SER A 132 -23.50 -9.89 34.31
CA SER A 132 -23.84 -10.65 35.51
C SER A 132 -25.17 -11.36 35.33
N TYR A 133 -25.07 -12.63 34.96
CA TYR A 133 -26.20 -13.48 34.63
C TYR A 133 -26.12 -14.76 35.47
N SER A 134 -27.24 -15.10 36.08
CA SER A 134 -27.28 -16.21 37.02
C SER A 134 -28.04 -17.37 36.41
N GLU A 135 -27.40 -18.52 36.32
CA GLU A 135 -28.06 -19.69 35.77
C GLU A 135 -28.21 -20.75 36.83
N ILE A 136 -29.45 -21.09 37.14
CA ILE A 136 -29.73 -22.09 38.15
C ILE A 136 -30.70 -23.10 37.59
N VAL A 137 -30.23 -24.31 37.32
CA VAL A 137 -31.10 -25.36 36.83
C VAL A 137 -31.39 -26.35 37.95
N LYS A 138 -32.67 -26.67 38.13
CA LYS A 138 -33.07 -27.63 39.15
C LYS A 138 -33.68 -28.86 38.49
N ASN A 139 -33.54 -30.02 39.14
CA ASN A 139 -34.17 -31.24 38.62
C ASN A 139 -35.65 -31.32 39.05
N LYS A 140 -36.31 -32.43 38.76
CA LYS A 140 -37.74 -32.54 39.01
C LYS A 140 -38.06 -32.53 40.52
N ASN A 141 -37.16 -33.06 41.33
CA ASN A 141 -37.34 -33.03 42.79
C ASN A 141 -36.96 -31.66 43.36
N GLY A 142 -36.57 -30.74 42.49
CA GLY A 142 -36.29 -29.36 42.85
C GLY A 142 -34.90 -29.07 43.40
N VAL A 143 -33.95 -29.98 43.17
CA VAL A 143 -32.59 -29.79 43.66
C VAL A 143 -31.72 -29.11 42.57
N PRO A 144 -30.94 -28.09 42.96
CA PRO A 144 -30.07 -27.39 42.00
C PRO A 144 -28.85 -28.22 41.65
N TYR A 145 -28.69 -28.55 40.37
CA TYR A 145 -27.51 -29.28 39.93
C TYR A 145 -26.69 -28.46 38.94
N ILE A 146 -27.18 -27.29 38.57
CA ILE A 146 -26.37 -26.32 37.85
C ILE A 146 -26.53 -24.97 38.52
N PHE A 147 -25.40 -24.37 38.93
CA PHE A 147 -25.37 -23.00 39.42
C PHE A 147 -24.12 -22.29 38.90
N LYS A 148 -24.34 -21.35 37.98
CA LYS A 148 -23.24 -20.58 37.41
C LYS A 148 -23.64 -19.12 37.47
N ASN A 149 -22.68 -18.24 37.74
CA ASN A 149 -23.03 -16.83 37.91
C ASN A 149 -21.89 -15.99 37.42
N GLY A 150 -22.17 -14.72 37.14
CA GLY A 150 -21.17 -13.81 36.68
C GLY A 150 -21.27 -13.55 35.20
N ILE A 151 -20.12 -13.21 34.59
CA ILE A 151 -20.08 -12.90 33.18
C ILE A 151 -20.59 -14.06 32.36
N ASP A 152 -21.43 -13.77 31.37
CA ASP A 152 -21.98 -14.81 30.50
C ASP A 152 -21.89 -14.31 29.07
N GLY A 153 -21.22 -15.04 28.19
CA GLY A 153 -21.09 -14.57 26.82
C GLY A 153 -20.14 -15.38 25.97
N TYR A 154 -19.60 -14.75 24.92
CA TYR A 154 -18.86 -15.43 23.86
C TYR A 154 -17.65 -14.66 23.42
N ILE A 155 -16.61 -15.39 23.05
CA ILE A 155 -15.47 -14.80 22.34
C ILE A 155 -15.67 -15.16 20.87
N TYR A 156 -15.43 -14.24 19.93
CA TYR A 156 -15.73 -14.59 18.55
C TYR A 156 -15.00 -13.75 17.54
N TYR A 157 -15.07 -14.18 16.28
CA TYR A 157 -14.80 -13.29 15.16
C TYR A 157 -15.77 -13.70 14.05
N LEU A 158 -16.05 -12.76 13.16
CA LEU A 158 -16.92 -13.03 12.03
C LEU A 158 -16.54 -12.10 10.93
N GLY A 159 -16.38 -12.61 9.73
CA GLY A 159 -16.02 -11.74 8.63
C GLY A 159 -17.01 -11.90 7.51
N THR A 160 -16.94 -10.97 6.55
CA THR A 160 -17.81 -11.02 5.40
C THR A 160 -16.99 -10.72 4.15
N SER A 161 -17.43 -11.28 3.02
CA SER A 161 -16.75 -11.12 1.75
C SER A 161 -15.30 -11.62 1.79
N PRO A 162 -15.11 -12.95 1.92
CA PRO A 162 -13.76 -13.52 1.89
C PRO A 162 -13.04 -13.11 0.61
N SER A 163 -11.82 -12.57 0.72
CA SER A 163 -11.20 -11.82 -0.35
C SER A 163 -10.96 -12.62 -1.62
N LYS A 164 -11.25 -12.01 -2.76
CA LYS A 164 -11.04 -12.69 -4.03
C LYS A 164 -9.81 -12.16 -4.73
N GLU A 165 -9.27 -11.07 -4.20
CA GLU A 165 -8.02 -10.48 -4.68
C GLU A 165 -7.12 -10.12 -3.50
N LEU A 166 -5.82 -10.26 -3.69
CA LEU A 166 -4.84 -10.01 -2.62
C LEU A 166 -3.82 -8.98 -3.07
N PRO A 167 -3.35 -8.14 -2.14
CA PRO A 167 -2.34 -7.14 -2.51
C PRO A 167 -1.05 -7.77 -3.02
N LYS A 168 -0.32 -7.03 -3.84
CA LYS A 168 1.04 -7.41 -4.24
C LYS A 168 2.02 -6.82 -3.22
N GLY A 169 3.14 -7.50 -2.99
CA GLY A 169 4.17 -6.94 -2.12
C GLY A 169 4.71 -7.90 -1.06
N ASN A 170 5.88 -7.56 -0.53
CA ASN A 170 6.56 -8.38 0.45
C ASN A 170 6.26 -8.01 1.91
N LYS A 171 5.57 -6.89 2.11
CA LYS A 171 5.23 -6.47 3.46
C LYS A 171 4.03 -5.55 3.47
N VAL A 172 2.87 -6.06 3.85
CA VAL A 172 1.72 -5.21 4.05
C VAL A 172 1.33 -5.29 5.52
N THR A 173 1.22 -4.14 6.18
CA THR A 173 0.93 -4.12 7.61
C THR A 173 -0.57 -4.04 7.91
N TYR A 174 -1.00 -4.81 8.90
CA TYR A 174 -2.36 -4.77 9.42
C TYR A 174 -2.27 -4.48 10.91
N LYS A 175 -3.17 -3.64 11.40
CA LYS A 175 -3.25 -3.33 12.83
C LYS A 175 -4.64 -3.55 13.37
N GLY A 176 -4.75 -4.05 14.59
CA GLY A 176 -6.06 -4.20 15.19
C GLY A 176 -5.99 -4.70 16.61
N THR A 177 -6.82 -5.70 16.92
CA THR A 177 -6.96 -6.13 18.31
C THR A 177 -6.81 -7.63 18.41
N TRP A 178 -6.78 -8.15 19.62
CA TRP A 178 -7.07 -9.57 19.82
C TRP A 178 -7.91 -9.65 21.07
N ASP A 179 -8.48 -10.83 21.32
CA ASP A 179 -9.31 -11.08 22.52
C ASP A 179 -9.23 -12.58 22.85
N PHE A 180 -9.67 -12.97 24.04
CA PHE A 180 -9.44 -14.36 24.50
C PHE A 180 -10.32 -14.78 25.68
N THR A 181 -10.49 -16.08 25.85
CA THR A 181 -11.01 -16.62 27.10
C THR A 181 -10.16 -17.82 27.47
N SER A 182 -9.86 -17.96 28.76
CA SER A 182 -9.16 -19.15 29.23
C SER A 182 -10.21 -20.21 29.50
N ASP A 183 -9.78 -21.32 30.09
CA ASP A 183 -10.69 -22.26 30.71
C ASP A 183 -10.75 -21.95 32.21
N VAL A 184 -11.42 -22.80 32.96
CA VAL A 184 -11.56 -22.55 34.39
C VAL A 184 -10.91 -23.66 35.19
N LYS A 185 -10.17 -23.29 36.24
CA LYS A 185 -9.61 -24.25 37.19
C LYS A 185 -9.53 -23.53 38.51
N THR A 186 -10.03 -24.14 39.58
CA THR A 186 -9.95 -23.50 40.89
C THR A 186 -8.50 -23.35 41.38
N SER A 187 -7.58 -24.16 40.84
CA SER A 187 -6.18 -24.04 41.21
C SER A 187 -5.44 -22.87 40.52
N TYR A 188 -6.07 -22.25 39.53
CA TYR A 188 -5.46 -21.11 38.84
C TYR A 188 -5.21 -20.00 39.82
N GLU A 189 -4.00 -19.44 39.79
CA GLU A 189 -3.65 -18.28 40.58
C GLU A 189 -3.08 -17.20 39.66
N LEU A 190 -3.94 -16.60 38.85
CA LEU A 190 -3.48 -15.70 37.80
C LEU A 190 -3.28 -14.30 38.36
N SER A 191 -2.38 -13.51 37.76
CA SER A 191 -2.32 -12.10 38.12
C SER A 191 -2.76 -11.24 36.95
N GLY A 192 -3.18 -10.03 37.25
CA GLY A 192 -3.56 -9.11 36.20
C GLY A 192 -5.04 -9.13 35.86
N PHE A 193 -5.79 -10.02 36.51
CA PHE A 193 -7.22 -10.20 36.20
C PHE A 193 -8.09 -9.81 37.38
N SER A 194 -9.22 -9.18 37.11
CA SER A 194 -10.13 -8.79 38.20
C SER A 194 -10.88 -10.00 38.76
N ASP A 195 -11.61 -9.80 39.84
CA ASP A 195 -12.45 -10.85 40.44
C ASP A 195 -13.62 -11.26 39.55
N ALA A 196 -13.90 -10.48 38.53
CA ALA A 196 -14.96 -10.81 37.61
C ALA A 196 -14.61 -11.98 36.66
N GLY A 197 -13.34 -12.37 36.60
CA GLY A 197 -12.93 -13.47 35.73
C GLY A 197 -11.44 -13.72 35.92
N ASN A 198 -11.10 -14.55 36.89
CA ASN A 198 -9.70 -14.83 37.16
C ASN A 198 -9.38 -16.33 37.05
N GLY A 199 -10.29 -17.08 36.43
CA GLY A 199 -10.04 -18.49 36.15
C GLY A 199 -10.68 -19.42 37.17
N LYS A 200 -11.03 -18.90 38.35
CA LYS A 200 -11.54 -19.76 39.43
C LYS A 200 -13.02 -20.06 39.31
N ASN A 201 -13.84 -19.02 39.10
CA ASN A 201 -15.27 -19.24 38.93
C ASN A 201 -15.76 -18.85 37.54
N VAL A 202 -15.07 -17.90 36.93
CA VAL A 202 -15.31 -17.52 35.56
C VAL A 202 -13.96 -17.45 34.85
N ALA A 203 -13.94 -17.73 33.55
CA ALA A 203 -12.69 -17.74 32.80
C ALA A 203 -12.01 -16.39 32.89
N ALA A 204 -10.69 -16.40 32.85
CA ALA A 204 -9.96 -15.16 32.63
C ALA A 204 -10.14 -14.80 31.15
N THR A 205 -10.62 -13.59 30.87
CA THR A 205 -10.89 -13.15 29.50
C THR A 205 -10.28 -11.79 29.21
N SER A 206 -10.39 -11.36 27.95
CA SER A 206 -9.94 -10.01 27.63
C SER A 206 -10.95 -8.98 28.19
N ILE A 207 -12.06 -9.49 28.76
CA ILE A 207 -13.03 -8.62 29.45
C ILE A 207 -12.54 -8.24 30.85
N SER A 208 -11.88 -9.15 31.54
CA SER A 208 -11.54 -8.92 32.95
C SER A 208 -10.06 -8.60 33.18
N ASP A 209 -9.28 -8.64 32.11
CA ASP A 209 -7.86 -8.29 32.18
C ASP A 209 -7.74 -6.80 32.58
N ASN A 210 -6.81 -6.47 33.48
CA ASN A 210 -6.65 -5.09 33.95
CA ASN A 210 -6.68 -5.08 33.94
C ASN A 210 -5.79 -4.25 33.00
N VAL A 211 -6.36 -3.87 31.86
CA VAL A 211 -5.62 -3.16 30.82
C VAL A 211 -6.15 -1.73 30.66
N ASN A 212 -5.44 -0.91 29.88
CA ASN A 212 -5.93 0.44 29.55
C ASN A 212 -7.14 0.36 28.61
N ARG A 213 -8.30 0.82 29.09
CA ARG A 213 -9.51 0.77 28.29
C ARG A 213 -10.02 2.16 27.82
N ASP A 214 -9.66 3.23 28.51
CA ASP A 214 -10.30 4.50 28.19
C ASP A 214 -9.38 5.69 27.90
N HIS A 215 -8.08 5.45 27.75
CA HIS A 215 -7.16 6.52 27.38
C HIS A 215 -6.53 6.22 26.04
N LYS A 216 -6.66 7.18 25.12
CA LYS A 216 -6.16 7.02 23.76
C LYS A 216 -4.65 7.08 23.66
N VAL A 217 -4.09 6.38 22.67
CA VAL A 217 -2.66 6.43 22.36
C VAL A 217 -2.21 7.87 22.16
N GLY A 218 -1.14 8.27 22.83
CA GLY A 218 -0.64 9.62 22.69
C GLY A 218 -0.90 10.49 23.91
N GLU A 219 -1.93 10.15 24.68
CA GLU A 219 -2.27 10.94 25.86
C GLU A 219 -1.16 10.90 26.92
N LYS A 220 -1.18 11.89 27.80
CA LYS A 220 -0.27 11.95 28.94
C LYS A 220 -1.08 11.90 30.23
N LEU A 221 -0.57 11.22 31.25
CA LEU A 221 -1.22 11.21 32.56
C LEU A 221 -0.21 11.14 33.72
N GLY A 222 0.40 12.26 34.10
CA GLY A 222 0.43 13.47 33.31
C GLY A 222 1.80 13.50 32.65
N ASP A 223 2.76 12.83 33.30
CA ASP A 223 4.07 12.58 32.69
C ASP A 223 4.10 11.23 31.97
N ASN A 224 3.07 10.41 32.21
CA ASN A 224 3.01 9.07 31.65
C ASN A 224 2.34 9.02 30.28
N GLU A 225 3.12 8.64 29.26
CA GLU A 225 2.61 8.53 27.88
C GLU A 225 1.79 7.25 27.67
N VAL A 226 0.66 7.37 26.98
CA VAL A 226 -0.15 6.22 26.65
C VAL A 226 0.36 5.58 25.36
N LYS A 227 0.85 4.35 25.44
CA LYS A 227 1.41 3.70 24.27
C LYS A 227 0.43 2.76 23.56
N GLY A 228 -0.56 2.24 24.29
CA GLY A 228 -1.52 1.34 23.67
C GLY A 228 -2.85 1.21 24.40
N VAL A 229 -3.87 0.76 23.67
CA VAL A 229 -5.17 0.45 24.25
C VAL A 229 -5.39 -1.09 24.34
N ALA A 230 -5.84 -1.55 25.50
CA ALA A 230 -6.24 -2.95 25.72
C ALA A 230 -5.34 -3.97 25.04
N HIS A 231 -5.91 -4.79 24.16
CA HIS A 231 -5.15 -5.87 23.54
C HIS A 231 -4.96 -5.60 22.06
N SER A 232 -3.73 -5.30 21.66
CA SER A 232 -3.47 -4.86 20.30
C SER A 232 -2.67 -5.89 19.52
N SER A 233 -2.93 -5.91 18.22
CA SER A 233 -2.29 -6.85 17.32
C SER A 233 -1.67 -6.07 16.17
N GLU A 234 -0.58 -6.60 15.64
CA GLU A 234 -0.01 -6.05 14.44
C GLU A 234 0.50 -7.21 13.59
N PHE A 235 0.22 -7.15 12.29
CA PHE A 235 0.68 -8.19 11.38
C PHE A 235 1.48 -7.61 10.18
N ALA A 236 2.51 -8.34 9.78
CA ALA A 236 3.23 -8.02 8.56
C ALA A 236 2.97 -9.14 7.56
N VAL A 237 2.28 -8.84 6.46
CA VAL A 237 1.93 -9.88 5.51
C VAL A 237 2.81 -9.82 4.27
N ASP A 238 3.44 -10.94 3.96
CA ASP A 238 4.29 -11.06 2.77
C ASP A 238 3.48 -11.80 1.73
N PHE A 239 2.65 -11.07 0.98
CA PHE A 239 1.75 -11.69 0.03
C PHE A 239 2.48 -12.42 -1.11
N ASP A 240 3.62 -11.88 -1.58
CA ASP A 240 4.35 -12.51 -2.68
C ASP A 240 4.95 -13.87 -2.30
N ASN A 241 5.31 -14.07 -1.03
CA ASN A 241 5.78 -15.37 -0.55
C ASN A 241 4.69 -16.16 0.22
N LYS A 242 3.47 -15.63 0.26
CA LYS A 242 2.33 -16.32 0.88
C LYS A 242 2.59 -16.66 2.35
N LYS A 243 3.17 -15.71 3.08
CA LYS A 243 3.50 -15.90 4.49
C LYS A 243 3.13 -14.66 5.27
N LEU A 244 2.96 -14.80 6.58
CA LEU A 244 2.78 -13.64 7.42
C LEU A 244 3.34 -13.89 8.81
N THR A 245 3.65 -12.81 9.50
CA THR A 245 4.04 -12.86 10.89
C THR A 245 3.21 -11.83 11.61
N GLY A 246 3.22 -11.86 12.94
CA GLY A 246 2.48 -10.89 13.71
C GLY A 246 2.86 -10.93 15.17
N SER A 247 2.34 -9.98 15.94
CA SER A 247 2.56 -9.91 17.38
C SER A 247 1.27 -9.55 18.08
N LEU A 248 1.08 -10.07 19.29
CA LEU A 248 -0.09 -9.73 20.10
C LEU A 248 0.39 -9.12 21.41
N TYR A 249 -0.12 -7.93 21.75
CA TYR A 249 0.35 -7.17 22.91
C TYR A 249 -0.72 -6.94 23.97
N ARG A 250 -0.29 -6.93 25.22
CA ARG A 250 -1.12 -6.50 26.33
C ARG A 250 -0.68 -5.09 26.79
N ASN A 251 -1.58 -4.13 26.66
CA ASN A 251 -1.32 -2.76 27.07
C ASN A 251 -1.92 -2.42 28.42
N GLY A 252 -1.08 -2.40 29.44
CA GLY A 252 -1.53 -2.35 30.81
C GLY A 252 -2.21 -1.06 31.23
N TYR A 253 -2.80 -1.14 32.43
CA TYR A 253 -3.45 -0.01 33.06
C TYR A 253 -2.46 1.15 33.20
N ILE A 254 -2.91 2.38 32.91
CA ILE A 254 -2.01 3.54 33.01
C ILE A 254 -2.61 4.61 33.89
N ASN A 255 -1.77 5.21 34.72
CA ASN A 255 -2.17 6.16 35.75
C ASN A 255 -1.22 7.34 35.89
N ARG A 256 -1.59 8.29 36.74
CA ARG A 256 -0.67 9.34 37.14
C ARG A 256 0.44 8.73 37.99
N ASN A 257 0.06 7.73 38.77
CA ASN A 257 0.96 7.08 39.70
C ASN A 257 1.60 5.80 39.16
N LYS A 258 1.47 5.59 37.85
CA LYS A 258 1.78 4.29 37.26
C LYS A 258 1.95 4.34 35.74
N ALA A 259 3.20 4.25 35.26
CA ALA A 259 3.49 4.24 33.83
C ALA A 259 2.99 2.94 33.19
N GLN A 260 2.76 2.95 31.86
CA GLN A 260 2.09 1.82 31.21
C GLN A 260 3.03 0.67 30.92
N GLU A 261 2.63 -0.54 31.33
CA GLU A 261 3.38 -1.73 30.97
C GLU A 261 2.79 -2.33 29.71
N VAL A 262 3.57 -2.30 28.64
CA VAL A 262 3.24 -2.93 27.37
C VAL A 262 4.03 -4.23 27.24
N THR A 263 3.35 -5.39 27.18
CA THR A 263 4.07 -6.66 27.03
C THR A 263 3.56 -7.47 25.85
N LYS A 264 4.50 -8.08 25.11
CA LYS A 264 4.15 -8.95 24.01
C LYS A 264 3.83 -10.33 24.56
N ARG A 265 2.62 -10.83 24.27
CA ARG A 265 2.21 -12.15 24.74
C ARG A 265 2.44 -13.25 23.70
N TYR A 266 2.35 -12.89 22.42
CA TYR A 266 2.45 -13.87 21.35
C TYR A 266 3.15 -13.36 20.12
N SER A 267 3.86 -14.27 19.46
CA SER A 267 4.37 -14.12 18.11
C SER A 267 3.54 -15.04 17.22
N ILE A 268 3.29 -14.61 16.01
CA ILE A 268 2.42 -15.39 15.16
C ILE A 268 3.15 -15.64 13.84
N GLU A 269 3.05 -16.87 13.32
CA GLU A 269 3.52 -17.14 11.98
C GLU A 269 2.44 -17.96 11.28
N ALA A 270 2.27 -17.72 9.99
CA ALA A 270 1.25 -18.45 9.24
C ALA A 270 1.60 -18.50 7.77
N ASP A 271 1.06 -19.49 7.08
CA ASP A 271 1.18 -19.59 5.63
C ASP A 271 -0.18 -19.37 4.97
N ILE A 272 -0.17 -18.71 3.82
CA ILE A 272 -1.39 -18.36 3.11
C ILE A 272 -1.78 -19.39 2.03
N THR A 273 -3.05 -19.77 2.04
CA THR A 273 -3.65 -20.64 1.03
C THR A 273 -5.02 -20.09 0.66
N GLY A 274 -5.24 -19.85 -0.63
CA GLY A 274 -6.45 -19.17 -1.05
C GLY A 274 -6.48 -17.81 -0.36
N ASN A 275 -7.59 -17.50 0.33
CA ASN A 275 -7.65 -16.26 1.11
C ASN A 275 -7.57 -16.56 2.60
N ARG A 276 -7.08 -17.75 2.92
CA ARG A 276 -6.92 -18.16 4.31
C ARG A 276 -5.46 -18.27 4.71
N PHE A 277 -5.20 -18.40 6.00
CA PHE A 277 -3.85 -18.70 6.45
C PHE A 277 -3.92 -19.64 7.66
N ARG A 278 -2.91 -20.50 7.77
CA ARG A 278 -2.80 -21.52 8.80
C ARG A 278 -1.43 -21.44 9.45
N GLY A 279 -1.37 -21.52 10.77
CA GLY A 279 -0.09 -21.49 11.43
C GLY A 279 -0.14 -21.72 12.92
N LYS A 280 0.66 -20.94 13.61
CA LYS A 280 0.98 -21.16 14.99
C LYS A 280 1.02 -19.84 15.70
N ALA A 281 0.80 -19.88 17.01
CA ALA A 281 1.03 -18.76 17.92
C ALA A 281 2.02 -19.22 18.97
N LYS A 282 3.09 -18.44 19.16
CA LYS A 282 4.14 -18.77 20.11
C LYS A 282 4.09 -17.86 21.32
N ALA A 283 3.94 -18.46 22.49
CA ALA A 283 3.89 -17.71 23.71
C ALA A 283 5.23 -17.05 23.96
N GLU A 284 5.23 -15.75 24.29
CA GLU A 284 6.47 -15.05 24.46
C GLU A 284 6.98 -15.06 25.89
N LYS A 285 6.14 -15.37 26.86
CA LYS A 285 6.63 -15.39 28.23
C LYS A 285 6.50 -16.79 28.83
N ALA A 286 7.58 -17.31 29.40
CA ALA A 286 7.63 -18.68 29.89
C ALA A 286 6.85 -18.83 31.20
N GLY A 287 6.34 -20.02 31.45
CA GLY A 287 5.77 -20.30 32.76
C GLY A 287 4.37 -19.75 33.01
N ASP A 288 3.67 -19.34 31.97
CA ASP A 288 2.31 -18.82 32.17
C ASP A 288 1.30 -19.96 32.00
N PRO A 289 0.42 -20.18 32.99
CA PRO A 289 -0.41 -21.39 32.83
C PRO A 289 -1.49 -21.27 31.76
N ILE A 290 -1.83 -20.06 31.30
CA ILE A 290 -2.85 -20.02 30.27
C ILE A 290 -2.31 -19.50 28.97
N PHE A 291 -1.34 -18.59 29.00
CA PHE A 291 -0.83 -18.04 27.74
C PHE A 291 0.30 -18.92 27.20
N THR A 292 -0.09 -19.99 26.51
CA THR A 292 0.83 -21.05 26.09
C THR A 292 0.78 -21.16 24.58
N ASP A 293 1.62 -22.04 24.01
CA ASP A 293 1.74 -22.25 22.56
C ASP A 293 0.49 -22.82 21.92
N SER A 294 0.27 -22.51 20.64
CA SER A 294 -0.77 -23.13 19.85
C SER A 294 -0.29 -23.55 18.48
N ASN A 295 -0.59 -24.78 18.08
CA ASN A 295 -0.38 -25.25 16.71
C ASN A 295 -1.59 -25.08 15.84
N TYR A 296 -2.62 -24.43 16.37
CA TYR A 296 -3.92 -24.43 15.72
C TYR A 296 -4.43 -23.00 15.50
N LEU A 297 -3.71 -22.25 14.68
CA LEU A 297 -4.13 -20.91 14.32
C LEU A 297 -4.63 -20.94 12.90
N GLU A 298 -5.82 -20.37 12.66
CA GLU A 298 -6.40 -20.30 11.33
C GLU A 298 -7.20 -19.02 11.23
N GLY A 299 -7.16 -18.37 10.08
CA GLY A 299 -7.94 -17.16 9.88
C GLY A 299 -8.05 -16.88 8.39
N GLY A 300 -8.59 -15.71 8.03
CA GLY A 300 -8.67 -15.36 6.64
C GLY A 300 -8.66 -13.87 6.36
N PHE A 301 -8.54 -13.53 5.08
CA PHE A 301 -8.68 -12.16 4.60
C PHE A 301 -10.12 -11.86 4.18
N TYR A 302 -10.59 -10.66 4.50
CA TYR A 302 -11.95 -10.27 4.22
C TYR A 302 -11.98 -8.90 3.57
N GLY A 303 -13.07 -8.60 2.88
CA GLY A 303 -13.10 -7.45 1.99
C GLY A 303 -12.65 -7.90 0.62
N PRO A 304 -13.13 -7.23 -0.44
CA PRO A 304 -12.87 -7.60 -1.84
C PRO A 304 -11.39 -7.66 -2.16
N LYS A 305 -10.60 -6.78 -1.55
CA LYS A 305 -9.17 -6.69 -1.81
C LYS A 305 -8.32 -6.96 -0.59
N ALA A 306 -8.84 -7.77 0.32
CA ALA A 306 -8.18 -8.16 1.58
C ALA A 306 -7.81 -6.97 2.47
N GLU A 307 -8.71 -6.00 2.58
CA GLU A 307 -8.41 -4.84 3.42
C GLU A 307 -8.37 -5.20 4.92
N GLU A 308 -8.97 -6.34 5.29
CA GLU A 308 -9.00 -6.76 6.70
C GLU A 308 -8.67 -8.25 6.83
N MET A 309 -8.33 -8.67 8.05
CA MET A 309 -8.02 -10.07 8.34
C MET A 309 -8.52 -10.41 9.73
N ALA A 310 -8.83 -11.68 9.98
CA ALA A 310 -9.37 -12.08 11.27
C ALA A 310 -9.10 -13.56 11.44
N GLY A 311 -9.01 -14.01 12.67
CA GLY A 311 -8.75 -15.43 12.91
C GLY A 311 -8.83 -15.82 14.37
N LYS A 312 -8.44 -17.04 14.67
CA LYS A 312 -8.52 -17.57 16.00
C LYS A 312 -7.40 -18.57 16.24
N PHE A 313 -7.12 -18.88 17.49
CA PHE A 313 -6.31 -20.06 17.75
C PHE A 313 -6.72 -20.64 19.07
N PHE A 314 -6.25 -21.87 19.33
CA PHE A 314 -6.67 -22.66 20.48
C PHE A 314 -5.43 -23.36 21.00
N THR A 315 -5.05 -23.12 22.26
CA THR A 315 -3.73 -23.55 22.69
C THR A 315 -3.68 -25.07 22.82
N ASN A 316 -2.48 -25.63 22.77
CA ASN A 316 -2.34 -27.09 22.66
C ASN A 316 -2.71 -27.77 23.95
N ASN A 317 -2.54 -27.09 25.08
CA ASN A 317 -3.01 -27.62 26.37
C ASN A 317 -4.46 -27.20 26.70
N LYS A 318 -5.16 -26.63 25.72
CA LYS A 318 -6.57 -26.20 25.84
C LYS A 318 -6.84 -25.14 26.93
N SER A 319 -5.85 -24.29 27.18
CA SER A 319 -6.00 -23.31 28.25
C SER A 319 -6.61 -22.02 27.77
N LEU A 320 -6.70 -21.84 26.44
CA LEU A 320 -7.02 -20.54 25.85
C LEU A 320 -7.57 -20.64 24.43
N PHE A 321 -8.67 -19.92 24.21
CA PHE A 321 -9.21 -19.70 22.87
C PHE A 321 -9.08 -18.19 22.63
N ALA A 322 -8.40 -17.80 21.56
CA ALA A 322 -8.15 -16.40 21.27
C ALA A 322 -8.64 -16.02 19.88
N VAL A 323 -9.00 -14.75 19.66
CA VAL A 323 -9.38 -14.28 18.32
C VAL A 323 -8.61 -13.03 18.06
N PHE A 324 -8.55 -12.60 16.81
CA PHE A 324 -7.88 -11.37 16.47
C PHE A 324 -8.48 -10.81 15.19
N ALA A 325 -8.29 -9.52 14.96
CA ALA A 325 -8.83 -8.86 13.79
C ALA A 325 -8.01 -7.61 13.52
N ALA A 326 -7.72 -7.34 12.26
CA ALA A 326 -6.83 -6.22 11.94
C ALA A 326 -7.13 -5.64 10.56
N LYS A 327 -6.73 -4.40 10.30
CA LYS A 327 -6.94 -3.85 8.97
C LYS A 327 -5.70 -3.14 8.48
N SER A 328 -5.52 -3.12 7.16
CA SER A 328 -4.37 -2.44 6.56
C SER A 328 -4.72 -0.99 6.29
N GLU A 329 -3.71 -0.16 6.10
CA GLU A 329 -3.93 1.30 6.10
C GLU A 329 -4.69 1.78 4.86
N ASN A 330 -4.44 1.17 3.70
CA ASN A 330 -5.31 1.42 2.53
C ASN A 330 -4.98 0.56 1.31
N GLY A 331 -5.84 0.70 0.32
CA GLY A 331 -5.69 0.06 -0.98
C GLY A 331 -6.67 0.65 -1.98
N GLU A 332 -6.32 1.61 -2.84
CA GLU A 332 -5.00 2.28 -3.04
C GLU A 332 -3.89 1.39 -3.60
N THR A 333 -3.99 0.08 -3.42
CA THR A 333 -2.91 -0.84 -3.75
C THR A 333 -3.26 -1.75 -4.92
N THR A 334 -2.22 -2.13 -5.66
CA THR A 334 -2.34 -3.12 -6.72
C THR A 334 -2.65 -4.50 -6.16
N THR A 335 -3.62 -5.18 -6.76
CA THR A 335 -3.99 -6.53 -6.34
C THR A 335 -3.97 -7.51 -7.49
N GLU A 336 -3.81 -8.78 -7.15
CA GLU A 336 -3.90 -9.85 -8.12
C GLU A 336 -5.04 -10.80 -7.70
N ARG A 337 -5.91 -11.12 -8.66
CA ARG A 337 -7.07 -11.96 -8.38
C ARG A 337 -6.69 -13.42 -8.13
N ILE A 338 -7.24 -14.02 -7.06
CA ILE A 338 -6.93 -15.41 -6.76
C ILE A 338 -8.12 -16.35 -6.97
N ILE A 339 -9.32 -15.77 -7.00
CA ILE A 339 -10.55 -16.57 -6.99
C ILE A 339 -11.68 -15.95 -7.82
N ASP A 340 -12.32 -16.76 -8.64
CA ASP A 340 -13.63 -16.44 -9.21
C ASP A 340 -14.68 -17.32 -8.54
N ALA A 341 -15.81 -16.73 -8.17
CA ALA A 341 -16.96 -17.51 -7.72
C ALA A 341 -18.25 -16.68 -7.84
N THR A 342 -19.05 -17.03 -8.83
CA THR A 342 -20.19 -16.21 -9.27
C THR A 342 -21.45 -17.04 -9.45
N LYS A 343 -22.59 -16.45 -9.08
CA LYS A 343 -23.88 -17.05 -9.37
C LYS A 343 -24.65 -16.11 -10.30
N ILE A 344 -25.16 -16.66 -11.41
CA ILE A 344 -26.00 -15.92 -12.33
C ILE A 344 -27.44 -16.39 -12.16
N ASP A 345 -28.32 -15.51 -11.67
CA ASP A 345 -29.70 -15.93 -11.47
C ASP A 345 -30.46 -15.98 -12.79
N LEU A 346 -31.22 -17.03 -13.01
CA LEU A 346 -31.81 -17.26 -14.32
C LEU A 346 -33.22 -16.70 -14.48
N THR A 347 -33.60 -15.78 -13.60
CA THR A 347 -34.91 -15.13 -13.73
C THR A 347 -34.76 -13.61 -13.84
N GLN A 348 -33.58 -13.11 -13.49
CA GLN A 348 -33.27 -11.70 -13.60
C GLN A 348 -32.04 -11.51 -14.47
N PHE A 349 -31.32 -12.60 -14.67
CA PHE A 349 -30.07 -12.61 -15.44
C PHE A 349 -29.09 -11.56 -14.94
N ASN A 350 -28.89 -11.50 -13.63
CA ASN A 350 -27.82 -10.72 -13.03
C ASN A 350 -26.89 -11.62 -12.21
N ALA A 351 -25.73 -11.11 -11.84
CA ALA A 351 -24.74 -11.91 -11.15
C ALA A 351 -24.58 -11.47 -9.69
N LYS A 352 -24.29 -12.43 -8.83
CA LYS A 352 -23.91 -12.12 -7.45
C LYS A 352 -22.69 -12.96 -7.06
N GLU A 353 -21.88 -12.41 -6.16
CA GLU A 353 -20.70 -13.10 -5.65
C GLU A 353 -21.05 -14.27 -4.72
N LEU A 354 -20.31 -15.36 -4.81
CA LEU A 354 -20.45 -16.46 -3.85
C LEU A 354 -19.31 -16.44 -2.84
N ASN A 355 -19.56 -16.93 -1.63
CA ASN A 355 -18.47 -17.12 -0.70
C ASN A 355 -17.61 -18.27 -1.18
N ASN A 356 -16.30 -18.07 -1.19
CA ASN A 356 -15.38 -19.15 -1.54
C ASN A 356 -14.03 -18.87 -0.91
N PHE A 357 -13.34 -19.92 -0.48
CA PHE A 357 -12.11 -19.75 0.28
C PHE A 357 -10.85 -20.13 -0.51
N GLY A 358 -11.01 -20.49 -1.78
CA GLY A 358 -9.88 -20.90 -2.57
C GLY A 358 -9.96 -22.34 -3.03
N ASP A 359 -11.12 -22.97 -2.80
CA ASP A 359 -11.40 -24.31 -3.31
C ASP A 359 -12.62 -24.24 -4.21
N ALA A 360 -12.39 -24.31 -5.51
CA ALA A 360 -13.47 -24.23 -6.50
C ALA A 360 -14.36 -25.47 -6.51
N SER A 361 -13.90 -26.56 -5.90
CA SER A 361 -14.67 -27.80 -5.96
C SER A 361 -15.64 -27.92 -4.78
N VAL A 362 -15.81 -26.80 -4.07
CA VAL A 362 -16.74 -26.74 -2.96
C VAL A 362 -17.68 -25.56 -3.14
N LEU A 363 -18.98 -25.82 -3.01
CA LEU A 363 -19.98 -24.75 -2.92
C LEU A 363 -20.31 -24.46 -1.46
N ILE A 364 -20.24 -23.20 -1.06
CA ILE A 364 -20.53 -22.85 0.33
C ILE A 364 -21.94 -22.26 0.48
N ILE A 365 -22.83 -22.99 1.15
CA ILE A 365 -24.15 -22.47 1.49
C ILE A 365 -24.39 -22.53 3.00
N ASP A 366 -24.69 -21.38 3.59
CA ASP A 366 -24.97 -21.28 5.04
C ASP A 366 -23.97 -22.03 5.89
N GLY A 367 -22.69 -21.86 5.60
CA GLY A 367 -21.65 -22.48 6.37
C GLY A 367 -21.51 -23.96 6.12
N GLN A 368 -22.33 -24.50 5.21
CA GLN A 368 -22.20 -25.90 4.84
C GLN A 368 -21.46 -26.01 3.50
N LYS A 369 -20.47 -26.88 3.45
CA LYS A 369 -19.69 -27.09 2.23
CA LYS A 369 -19.69 -27.09 2.23
C LYS A 369 -20.26 -28.25 1.41
N ILE A 370 -20.63 -27.96 0.18
CA ILE A 370 -21.14 -28.98 -0.73
C ILE A 370 -20.02 -29.39 -1.69
N ASP A 371 -19.56 -30.64 -1.58
CA ASP A 371 -18.51 -31.15 -2.46
C ASP A 371 -19.07 -31.38 -3.85
N LEU A 372 -18.39 -30.85 -4.87
CA LEU A 372 -18.94 -30.89 -6.23
C LEU A 372 -18.36 -32.02 -7.09
N ALA A 373 -17.35 -32.70 -6.59
CA ALA A 373 -16.69 -33.75 -7.35
C ALA A 373 -17.51 -35.04 -7.32
N GLY A 374 -17.27 -35.91 -8.30
CA GLY A 374 -17.93 -37.19 -8.39
C GLY A 374 -17.33 -38.05 -9.49
N VAL A 375 -17.76 -39.31 -9.54
CA VAL A 375 -17.17 -40.29 -10.45
C VAL A 375 -17.47 -40.02 -11.92
N ASN A 376 -18.67 -39.49 -12.20
CA ASN A 376 -19.10 -39.21 -13.57
C ASN A 376 -18.56 -37.90 -14.12
N PHE A 377 -18.76 -37.70 -15.43
CA PHE A 377 -18.23 -36.53 -16.12
C PHE A 377 -18.81 -35.25 -15.52
N LYS A 378 -20.10 -35.29 -15.23
CA LYS A 378 -20.70 -34.24 -14.43
C LYS A 378 -21.58 -34.92 -13.39
N ASN A 379 -21.75 -34.29 -12.24
CA ASN A 379 -22.41 -34.95 -11.13
C ASN A 379 -23.44 -34.07 -10.43
N SER A 380 -24.53 -34.70 -10.00
CA SER A 380 -25.56 -34.00 -9.26
C SER A 380 -25.43 -34.28 -7.76
N LYS A 381 -25.50 -33.23 -6.95
CA LYS A 381 -25.49 -33.38 -5.51
C LYS A 381 -26.73 -32.72 -4.92
N THR A 382 -27.45 -33.46 -4.08
CA THR A 382 -28.66 -32.94 -3.45
C THR A 382 -28.48 -32.92 -1.94
N VAL A 383 -28.74 -31.77 -1.34
CA VAL A 383 -28.44 -31.61 0.06
C VAL A 383 -29.41 -30.63 0.71
N GLU A 384 -29.82 -30.92 1.94
CA GLU A 384 -30.70 -30.01 2.66
C GLU A 384 -29.91 -29.15 3.61
N ILE A 385 -29.78 -27.88 3.27
CA ILE A 385 -29.19 -26.91 4.17
C ILE A 385 -30.37 -26.18 4.76
N ASN A 386 -30.87 -26.76 5.85
CA ASN A 386 -32.23 -26.49 6.29
C ASN A 386 -32.48 -25.02 6.58
N GLY A 387 -33.67 -24.56 6.18
CA GLY A 387 -34.70 -25.43 5.65
C GLY A 387 -34.74 -25.71 4.14
N LYS A 388 -33.77 -25.16 3.41
CA LYS A 388 -33.76 -25.28 1.94
C LYS A 388 -33.16 -26.60 1.45
N THR A 389 -33.72 -27.12 0.38
CA THR A 389 -33.21 -28.35 -0.22
C THR A 389 -32.57 -28.07 -1.58
N MET A 390 -31.25 -28.12 -1.63
CA MET A 390 -30.51 -27.63 -2.78
C MET A 390 -30.00 -28.72 -3.71
N VAL A 391 -30.11 -28.46 -5.01
CA VAL A 391 -29.53 -29.31 -6.04
C VAL A 391 -28.46 -28.55 -6.82
N ALA A 392 -27.28 -29.16 -6.94
CA ALA A 392 -26.23 -28.60 -7.77
C ALA A 392 -25.76 -29.64 -8.77
N VAL A 393 -25.60 -29.21 -10.01
CA VAL A 393 -25.11 -30.08 -11.07
C VAL A 393 -23.79 -29.51 -11.55
N ALA A 394 -22.70 -30.18 -11.21
CA ALA A 394 -21.36 -29.60 -11.37
C ALA A 394 -20.56 -30.30 -12.45
N CYS A 395 -19.87 -29.51 -13.26
CA CYS A 395 -19.02 -30.03 -14.32
C CYS A 395 -17.65 -29.38 -14.19
N CYS A 396 -16.56 -30.04 -14.58
CA CYS A 396 -16.54 -31.43 -15.06
C CYS A 396 -15.35 -32.17 -14.46
N SER A 397 -15.32 -33.50 -14.64
CA SER A 397 -14.31 -34.34 -14.00
C SER A 397 -12.92 -34.17 -14.60
N ASN A 398 -12.81 -33.57 -15.77
CA ASN A 398 -11.49 -33.28 -16.32
C ASN A 398 -11.01 -31.86 -16.00
N LEU A 399 -11.81 -31.12 -15.25
CA LEU A 399 -11.40 -29.79 -14.78
C LEU A 399 -11.07 -29.87 -13.29
N GLU A 400 -9.81 -29.61 -12.95
CA GLU A 400 -9.34 -29.83 -11.59
C GLU A 400 -9.35 -28.56 -10.74
N TYR A 401 -9.30 -27.40 -11.40
CA TYR A 401 -9.08 -26.14 -10.69
C TYR A 401 -10.23 -25.17 -10.87
N MET A 402 -11.30 -25.64 -11.50
CA MET A 402 -12.53 -24.88 -11.64
C MET A 402 -13.75 -25.81 -11.68
N LYS A 403 -14.93 -25.26 -11.40
CA LYS A 403 -16.18 -25.97 -11.60
C LYS A 403 -17.24 -24.99 -12.10
N PHE A 404 -18.20 -25.50 -12.86
CA PHE A 404 -19.35 -24.69 -13.24
C PHE A 404 -20.56 -25.59 -13.35
N GLY A 405 -21.73 -25.01 -13.32
CA GLY A 405 -22.93 -25.79 -13.51
C GLY A 405 -24.21 -25.09 -13.14
N GLN A 406 -25.22 -25.87 -12.81
CA GLN A 406 -26.52 -25.34 -12.46
C GLN A 406 -26.78 -25.51 -10.97
N LEU A 407 -27.47 -24.52 -10.41
CA LEU A 407 -27.84 -24.55 -9.01
C LEU A 407 -29.29 -24.10 -8.88
N TRP A 408 -30.09 -24.85 -8.14
CA TRP A 408 -31.46 -24.44 -7.88
C TRP A 408 -31.98 -25.03 -6.59
N GLN A 409 -33.16 -24.57 -6.18
CA GLN A 409 -33.80 -25.13 -5.01
C GLN A 409 -35.03 -25.95 -5.41
N LYS A 410 -35.19 -27.10 -4.77
CA LYS A 410 -36.29 -28.00 -5.06
C LYS A 410 -37.52 -27.67 -4.20
N GLU A 411 -38.70 -27.75 -4.80
CA GLU A 411 -39.95 -27.51 -4.11
C GLU A 411 -41.00 -28.52 -4.55
N GLY A 412 -41.04 -29.66 -3.86
CA GLY A 412 -41.82 -30.79 -4.33
C GLY A 412 -41.03 -31.44 -5.44
N LYS A 413 -41.67 -32.22 -6.30
CA LYS A 413 -40.95 -32.81 -7.43
C LYS A 413 -41.78 -32.81 -8.70
N GLN A 414 -41.50 -31.88 -9.60
CA GLN A 414 -40.41 -30.91 -9.40
C GLN A 414 -40.79 -29.48 -9.78
N GLN A 415 -41.12 -28.67 -8.77
CA GLN A 415 -41.29 -27.23 -8.97
C GLN A 415 -40.00 -26.55 -8.57
N VAL A 416 -39.24 -26.09 -9.55
CA VAL A 416 -37.92 -25.54 -9.29
C VAL A 416 -38.00 -24.09 -8.79
N LYS A 417 -37.12 -23.74 -7.85
CA LYS A 417 -37.05 -22.37 -7.34
C LYS A 417 -35.61 -21.79 -7.43
N ASP A 418 -35.51 -20.49 -7.70
CA ASP A 418 -34.23 -19.76 -7.76
C ASP A 418 -33.21 -20.37 -8.72
N ASN A 419 -33.67 -20.85 -9.86
CA ASN A 419 -32.80 -21.46 -10.86
C ASN A 419 -31.63 -20.56 -11.20
N SER A 420 -30.42 -21.11 -11.24
CA SER A 420 -29.25 -20.30 -11.55
C SER A 420 -28.07 -21.10 -12.08
N LEU A 421 -27.07 -20.39 -12.57
CA LEU A 421 -25.81 -20.98 -13.00
C LEU A 421 -24.70 -20.49 -12.10
N PHE A 422 -23.66 -21.31 -11.93
CA PHE A 422 -22.51 -20.88 -11.14
C PHE A 422 -21.21 -21.22 -11.83
N LEU A 423 -20.19 -20.44 -11.50
CA LEU A 423 -18.82 -20.68 -11.94
C LEU A 423 -17.88 -20.40 -10.77
N GLN A 424 -16.95 -21.30 -10.52
CA GLN A 424 -15.90 -21.07 -9.53
C GLN A 424 -14.58 -21.49 -10.14
N GLY A 425 -13.51 -20.78 -9.79
CA GLY A 425 -12.19 -21.16 -10.26
C GLY A 425 -11.09 -20.66 -9.34
N GLU A 426 -9.97 -21.37 -9.37
CA GLU A 426 -8.77 -20.96 -8.65
C GLU A 426 -7.73 -20.42 -9.64
N ARG A 427 -7.61 -19.10 -9.69
CA ARG A 427 -6.88 -18.42 -10.75
C ARG A 427 -5.39 -18.77 -10.79
N THR A 428 -4.87 -18.85 -12.00
CA THR A 428 -3.44 -18.97 -12.22
C THR A 428 -2.71 -17.73 -11.66
N ALA A 429 -1.58 -17.93 -11.01
CA ALA A 429 -0.75 -16.78 -10.62
C ALA A 429 -0.30 -16.08 -11.90
N THR A 430 -0.26 -14.76 -11.88
CA THR A 430 0.02 -14.00 -13.09
C THR A 430 1.44 -14.26 -13.62
N ASP A 431 2.40 -14.45 -12.71
CA ASP A 431 3.76 -14.71 -13.14
C ASP A 431 3.95 -16.17 -13.61
N LYS A 432 2.90 -16.98 -13.52
CA LYS A 432 2.95 -18.34 -14.05
C LYS A 432 2.13 -18.44 -15.32
N MET A 433 1.61 -17.30 -15.79
CA MET A 433 0.93 -17.25 -17.07
C MET A 433 1.92 -17.56 -18.20
N PRO A 434 1.52 -18.42 -19.15
CA PRO A 434 2.40 -18.73 -20.28
C PRO A 434 2.72 -17.50 -21.09
N ALA A 435 3.94 -17.38 -21.58
CA ALA A 435 4.34 -16.23 -22.39
C ALA A 435 4.36 -16.58 -23.88
N GLY A 436 3.18 -16.62 -24.50
CA GLY A 436 3.04 -17.10 -25.87
C GLY A 436 3.08 -18.61 -25.91
N GLY A 437 2.54 -19.22 -26.97
CA GLY A 437 1.88 -18.52 -28.05
C GLY A 437 0.45 -19.01 -28.26
N ASN A 438 0.28 -20.11 -28.98
CA ASN A 438 -1.06 -20.55 -29.41
C ASN A 438 -1.49 -21.93 -28.94
N TYR A 439 -2.64 -21.98 -28.28
CA TYR A 439 -3.13 -23.21 -27.66
C TYR A 439 -4.63 -23.38 -27.86
N LYS A 440 -5.07 -24.64 -27.99
CA LYS A 440 -6.49 -24.90 -28.15
C LYS A 440 -7.10 -25.36 -26.82
N TYR A 441 -8.30 -24.85 -26.52
CA TYR A 441 -9.03 -25.24 -25.31
C TYR A 441 -10.38 -25.83 -25.71
N VAL A 442 -10.68 -27.01 -25.17
CA VAL A 442 -11.94 -27.66 -25.48
C VAL A 442 -12.74 -27.93 -24.20
N GLY A 443 -14.01 -27.60 -24.23
CA GLY A 443 -14.89 -27.87 -23.09
C GLY A 443 -16.36 -27.84 -23.45
N THR A 444 -17.19 -27.56 -22.45
CA THR A 444 -18.63 -27.52 -22.65
C THR A 444 -19.16 -26.27 -21.92
N TRP A 445 -20.49 -26.19 -21.73
CA TRP A 445 -21.09 -25.01 -21.09
C TRP A 445 -22.54 -25.24 -20.66
N ASP A 446 -23.05 -24.33 -19.81
CA ASP A 446 -24.46 -24.32 -19.43
C ASP A 446 -25.03 -22.94 -19.69
N ALA A 447 -26.27 -22.88 -20.18
CA ALA A 447 -26.87 -21.57 -20.49
C ALA A 447 -28.39 -21.63 -20.59
N LEU A 448 -29.01 -20.46 -20.49
CA LEU A 448 -30.42 -20.30 -20.79
C LEU A 448 -30.58 -19.07 -21.67
N VAL A 449 -31.17 -19.24 -22.84
CA VAL A 449 -31.56 -18.11 -23.68
C VAL A 449 -33.08 -17.96 -23.62
N SER A 450 -33.53 -16.75 -23.33
CA SER A 450 -34.95 -16.48 -23.16
C SER A 450 -35.45 -15.37 -24.07
N LYS A 451 -36.11 -15.76 -25.15
CA LYS A 451 -36.77 -14.82 -26.06
C LYS A 451 -38.27 -14.97 -25.87
N GLY A 452 -38.86 -15.91 -26.60
CA GLY A 452 -40.23 -16.32 -26.36
C GLY A 452 -40.20 -17.66 -25.66
N THR A 453 -39.58 -18.64 -26.31
CA THR A 453 -39.34 -19.95 -25.72
C THR A 453 -38.07 -19.91 -24.87
N ASN A 454 -37.80 -21.00 -24.17
CA ASN A 454 -36.55 -21.12 -23.41
C ASN A 454 -35.60 -22.12 -24.07
N TRP A 455 -34.51 -21.60 -24.63
CA TRP A 455 -33.48 -22.44 -25.21
C TRP A 455 -32.40 -22.73 -24.16
N ILE A 456 -32.05 -24.00 -24.03
CA ILE A 456 -31.17 -24.46 -22.98
C ILE A 456 -29.90 -25.08 -23.56
N ALA A 457 -28.77 -24.83 -22.90
CA ALA A 457 -27.56 -25.59 -23.14
C ALA A 457 -27.21 -26.40 -21.89
N GLU A 458 -26.87 -27.67 -22.07
CA GLU A 458 -26.53 -28.55 -20.95
C GLU A 458 -25.18 -29.22 -21.15
N ALA A 459 -24.35 -29.20 -20.11
CA ALA A 459 -22.98 -29.67 -20.19
C ALA A 459 -22.91 -31.15 -20.55
N ASP A 460 -22.04 -31.49 -21.51
CA ASP A 460 -21.79 -32.89 -21.86
C ASP A 460 -20.36 -33.05 -22.37
N ASN A 461 -19.96 -34.29 -22.63
CA ASN A 461 -18.61 -34.58 -23.10
C ASN A 461 -18.58 -35.17 -24.51
N ASN A 462 -19.65 -34.93 -25.25
CA ASN A 462 -19.71 -35.27 -26.68
C ASN A 462 -19.11 -34.13 -27.48
N ARG A 463 -17.80 -34.19 -27.71
CA ARG A 463 -17.09 -33.07 -28.30
C ARG A 463 -17.28 -32.97 -29.81
N GLU A 464 -18.06 -33.89 -30.38
CA GLU A 464 -18.30 -33.89 -31.81
C GLU A 464 -19.55 -33.08 -32.14
N SER A 465 -20.66 -33.46 -31.51
CA SER A 465 -21.96 -32.92 -31.85
C SER A 465 -22.73 -32.43 -30.63
N GLY A 466 -22.08 -32.44 -29.47
CA GLY A 466 -22.74 -32.03 -28.23
C GLY A 466 -22.67 -30.54 -28.02
N TYR A 467 -22.91 -30.12 -26.77
CA TYR A 467 -22.83 -28.71 -26.42
C TYR A 467 -21.37 -28.30 -26.20
N ARG A 468 -20.68 -28.07 -27.31
CA ARG A 468 -19.24 -27.84 -27.30
C ARG A 468 -18.84 -26.37 -27.09
N THR A 469 -17.67 -26.18 -26.49
CA THR A 469 -17.02 -24.88 -26.51
C THR A 469 -15.59 -25.05 -27.02
N GLU A 470 -15.22 -24.21 -27.98
CA GLU A 470 -13.86 -24.19 -28.49
C GLU A 470 -13.26 -22.82 -28.26
N PHE A 471 -12.02 -22.80 -27.76
CA PHE A 471 -11.32 -21.55 -27.55
C PHE A 471 -9.92 -21.62 -28.11
N ASP A 472 -9.54 -20.63 -28.91
CA ASP A 472 -8.16 -20.48 -29.31
C ASP A 472 -7.57 -19.32 -28.51
N VAL A 473 -6.46 -19.59 -27.83
CA VAL A 473 -5.85 -18.61 -26.95
C VAL A 473 -4.45 -18.26 -27.43
N ASN A 474 -4.25 -17.00 -27.82
CA ASN A 474 -2.94 -16.54 -28.22
C ASN A 474 -2.34 -15.70 -27.11
N PHE A 475 -1.40 -16.27 -26.37
CA PHE A 475 -0.81 -15.58 -25.24
C PHE A 475 0.13 -14.45 -25.70
N SER A 476 0.72 -14.60 -26.89
CA SER A 476 1.53 -13.53 -27.49
C SER A 476 0.70 -12.30 -27.77
N ASP A 477 -0.40 -12.50 -28.49
CA ASP A 477 -1.30 -11.44 -28.89
C ASP A 477 -2.21 -11.02 -27.76
N LYS A 478 -2.13 -11.76 -26.65
CA LYS A 478 -3.01 -11.59 -25.50
C LYS A 478 -4.46 -11.56 -25.97
N LYS A 479 -4.82 -12.55 -26.77
CA LYS A 479 -6.14 -12.63 -27.35
C LYS A 479 -6.77 -14.00 -27.11
N VAL A 480 -8.03 -13.97 -26.71
CA VAL A 480 -8.82 -15.18 -26.51
C VAL A 480 -9.97 -15.17 -27.50
N ASN A 481 -10.05 -16.20 -28.33
CA ASN A 481 -11.19 -16.33 -29.24
C ASN A 481 -11.92 -17.64 -29.04
N GLY A 482 -13.24 -17.58 -29.05
CA GLY A 482 -14.02 -18.75 -28.71
C GLY A 482 -15.31 -18.92 -29.46
N LYS A 483 -15.73 -20.18 -29.57
CA LYS A 483 -16.99 -20.52 -30.20
C LYS A 483 -17.78 -21.37 -29.23
N LEU A 484 -19.07 -21.12 -29.14
CA LEU A 484 -19.96 -21.91 -28.29
C LEU A 484 -21.10 -22.52 -29.12
N PHE A 485 -21.20 -23.85 -29.09
CA PHE A 485 -22.11 -24.56 -29.98
C PHE A 485 -23.38 -25.12 -29.34
N ASP A 486 -24.42 -25.26 -30.15
CA ASP A 486 -25.62 -26.01 -29.81
C ASP A 486 -25.40 -27.46 -30.22
N LYS A 487 -26.10 -28.41 -29.59
CA LYS A 487 -25.84 -29.81 -29.90
C LYS A 487 -26.32 -30.15 -31.31
N GLY A 488 -25.38 -30.55 -32.17
CA GLY A 488 -25.70 -30.87 -33.54
C GLY A 488 -25.42 -29.75 -34.51
N GLY A 489 -25.38 -28.52 -33.99
CA GLY A 489 -25.11 -27.35 -34.82
C GLY A 489 -23.77 -27.44 -35.53
N VAL A 490 -23.70 -26.81 -36.71
CA VAL A 490 -22.45 -26.78 -37.45
C VAL A 490 -21.68 -25.51 -37.13
N ASN A 491 -22.42 -24.42 -36.95
CA ASN A 491 -21.84 -23.14 -36.60
C ASN A 491 -22.17 -22.77 -35.16
N PRO A 492 -21.31 -21.98 -34.51
CA PRO A 492 -21.54 -21.60 -33.11
C PRO A 492 -22.66 -20.58 -32.95
N VAL A 493 -23.56 -20.83 -32.02
CA VAL A 493 -24.65 -19.92 -31.71
C VAL A 493 -24.12 -18.66 -31.02
N PHE A 494 -22.96 -18.79 -30.40
CA PHE A 494 -22.28 -17.66 -29.76
C PHE A 494 -20.79 -17.68 -30.09
N THR A 495 -20.20 -16.52 -30.28
CA THR A 495 -18.76 -16.43 -30.33
C THR A 495 -18.32 -15.39 -29.32
N VAL A 496 -17.10 -15.55 -28.82
CA VAL A 496 -16.55 -14.58 -27.91
C VAL A 496 -15.23 -14.07 -28.44
N ASP A 497 -15.04 -12.76 -28.35
CA ASP A 497 -13.74 -12.15 -28.57
C ASP A 497 -13.33 -11.47 -27.27
N ALA A 498 -12.11 -11.71 -26.84
CA ALA A 498 -11.67 -11.12 -25.59
C ALA A 498 -10.16 -10.91 -25.54
N THR A 499 -9.74 -10.13 -24.55
CA THR A 499 -8.34 -9.81 -24.40
C THR A 499 -7.83 -10.35 -23.07
N ILE A 500 -6.62 -10.93 -23.09
CA ILE A 500 -5.99 -11.40 -21.87
C ILE A 500 -5.36 -10.27 -21.10
N ASN A 501 -5.73 -10.16 -19.83
CA ASN A 501 -5.11 -9.21 -18.93
C ASN A 501 -4.83 -9.88 -17.59
N GLY A 502 -3.57 -9.93 -17.19
CA GLY A 502 -3.18 -10.64 -15.98
C GLY A 502 -3.49 -12.12 -16.10
N ASN A 503 -4.28 -12.64 -15.16
CA ASN A 503 -4.62 -14.06 -15.18
C ASN A 503 -6.08 -14.28 -15.57
N GLY A 504 -6.67 -13.29 -16.22
CA GLY A 504 -8.06 -13.38 -16.63
C GLY A 504 -8.21 -12.83 -18.04
N PHE A 505 -9.45 -12.83 -18.54
CA PHE A 505 -9.69 -12.17 -19.80
C PHE A 505 -11.04 -11.46 -19.79
N ILE A 506 -11.21 -10.55 -20.73
CA ILE A 506 -12.41 -9.74 -20.75
C ILE A 506 -12.66 -9.30 -22.19
N GLY A 507 -13.93 -9.30 -22.58
CA GLY A 507 -14.31 -8.94 -23.92
C GLY A 507 -15.81 -8.93 -24.09
N SER A 508 -16.26 -9.52 -25.19
CA SER A 508 -17.67 -9.49 -25.55
C SER A 508 -18.10 -10.79 -26.20
N ALA A 509 -19.36 -11.16 -25.97
CA ALA A 509 -19.96 -12.29 -26.68
C ALA A 509 -20.99 -11.78 -27.66
N LYS A 510 -21.23 -12.55 -28.72
CA LYS A 510 -22.21 -12.13 -29.72
C LYS A 510 -22.79 -13.31 -30.48
N THR A 511 -23.94 -13.05 -31.11
CA THR A 511 -24.56 -14.01 -32.00
C THR A 511 -24.11 -13.72 -33.41
N SER A 512 -24.54 -14.56 -34.35
CA SER A 512 -24.43 -14.20 -35.75
C SER A 512 -25.33 -12.99 -35.97
N ASP A 513 -25.11 -12.26 -37.06
CA ASP A 513 -25.95 -11.11 -37.38
C ASP A 513 -27.36 -11.57 -37.71
N SER A 514 -27.50 -12.86 -38.03
CA SER A 514 -28.80 -13.46 -38.31
C SER A 514 -29.43 -14.01 -37.03
N GLY A 515 -28.63 -14.15 -35.98
CA GLY A 515 -29.11 -14.73 -34.74
C GLY A 515 -29.21 -16.24 -34.90
N PHE A 516 -29.98 -16.89 -34.03
CA PHE A 516 -30.26 -18.30 -34.22
C PHE A 516 -31.64 -18.66 -33.71
N ALA A 517 -32.23 -19.69 -34.33
CA ALA A 517 -33.62 -20.05 -34.08
C ALA A 517 -33.76 -20.92 -32.85
N LEU A 518 -34.99 -20.99 -32.34
CA LEU A 518 -35.28 -21.72 -31.12
C LEU A 518 -36.62 -22.45 -31.22
N SER A 523 -40.63 -20.16 -35.86
CA SER A 523 -40.83 -19.37 -37.06
C SER A 523 -41.70 -18.14 -36.80
N GLN A 524 -42.59 -18.25 -35.82
CA GLN A 524 -43.50 -17.17 -35.48
C GLN A 524 -42.77 -15.96 -34.91
N HIS A 525 -41.74 -16.22 -34.11
CA HIS A 525 -40.95 -15.14 -33.50
C HIS A 525 -39.57 -15.06 -34.12
N GLY A 526 -38.99 -13.87 -34.06
CA GLY A 526 -37.66 -13.64 -34.60
C GLY A 526 -36.61 -14.39 -33.82
N ASN A 527 -35.52 -14.73 -34.50
CA ASN A 527 -34.38 -15.37 -33.86
C ASN A 527 -33.82 -14.47 -32.76
N ALA A 528 -33.12 -15.07 -31.80
CA ALA A 528 -32.44 -14.28 -30.78
C ALA A 528 -31.15 -13.71 -31.38
N VAL A 529 -30.98 -12.39 -31.31
CA VAL A 529 -29.74 -11.78 -31.77
C VAL A 529 -29.10 -10.99 -30.64
N PHE A 530 -27.86 -11.34 -30.32
CA PHE A 530 -27.10 -10.63 -29.31
C PHE A 530 -25.80 -10.09 -29.89
N SER A 531 -25.50 -8.85 -29.53
CA SER A 531 -24.21 -8.27 -29.85
C SER A 531 -23.69 -7.56 -28.61
N ASP A 532 -22.37 -7.51 -28.50
CA ASP A 532 -21.69 -6.82 -27.40
C ASP A 532 -22.24 -7.14 -26.02
N ILE A 533 -22.19 -8.41 -25.63
CA ILE A 533 -22.47 -8.79 -24.25
C ILE A 533 -21.16 -9.03 -23.52
N LYS A 534 -21.00 -8.38 -22.37
CA LYS A 534 -19.77 -8.48 -21.60
C LYS A 534 -19.46 -9.90 -21.17
N VAL A 535 -18.24 -10.35 -21.44
CA VAL A 535 -17.78 -11.64 -20.93
C VAL A 535 -16.54 -11.48 -20.06
N ASN A 536 -16.65 -11.96 -18.82
CA ASN A 536 -15.54 -12.04 -17.88
C ASN A 536 -15.09 -13.48 -17.74
N GLY A 537 -13.77 -13.69 -17.79
CA GLY A 537 -13.24 -15.03 -17.71
C GLY A 537 -11.97 -15.06 -16.91
N GLY A 538 -11.53 -16.27 -16.56
CA GLY A 538 -10.28 -16.43 -15.86
C GLY A 538 -9.48 -17.59 -16.40
N PHE A 539 -8.19 -17.62 -16.09
CA PHE A 539 -7.37 -18.80 -16.31
C PHE A 539 -7.14 -19.51 -14.99
N TYR A 540 -7.31 -20.83 -14.97
CA TYR A 540 -7.24 -21.60 -13.72
C TYR A 540 -6.17 -22.68 -13.72
N GLY A 541 -5.64 -22.97 -12.54
CA GLY A 541 -4.61 -23.98 -12.41
C GLY A 541 -3.21 -23.43 -12.43
N PRO A 542 -2.22 -24.30 -12.16
CA PRO A 542 -0.81 -23.95 -12.04
C PRO A 542 -0.26 -23.17 -13.22
N THR A 543 -0.65 -23.55 -14.44
CA THR A 543 -0.12 -22.88 -15.63
C THR A 543 -1.19 -22.56 -16.64
N ALA A 544 -2.40 -22.26 -16.15
CA ALA A 544 -3.54 -21.84 -16.98
C ALA A 544 -4.06 -22.92 -17.94
N GLY A 545 -3.86 -24.19 -17.58
CA GLY A 545 -4.37 -25.30 -18.37
C GLY A 545 -5.89 -25.43 -18.40
N GLU A 546 -6.57 -24.53 -17.69
CA GLU A 546 -8.03 -24.47 -17.68
C GLU A 546 -8.48 -23.02 -17.76
N LEU A 547 -9.58 -22.78 -18.48
CA LEU A 547 -10.17 -21.45 -18.49
C LEU A 547 -11.68 -21.54 -18.37
N GLY A 548 -12.30 -20.43 -18.02
CA GLY A 548 -13.74 -20.41 -17.88
C GLY A 548 -14.23 -18.99 -17.79
N GLY A 549 -15.52 -18.80 -17.97
CA GLY A 549 -16.06 -17.46 -17.87
C GLY A 549 -17.56 -17.45 -17.89
N GLN A 550 -18.12 -16.26 -17.82
CA GLN A 550 -19.56 -16.12 -17.84
C GLN A 550 -19.97 -14.88 -18.62
N PHE A 551 -21.22 -14.86 -19.04
CA PHE A 551 -21.83 -13.65 -19.56
C PHE A 551 -23.33 -13.74 -19.35
N HIS A 552 -23.93 -12.59 -19.08
CA HIS A 552 -25.36 -12.53 -18.83
C HIS A 552 -25.92 -11.22 -19.37
N HIS A 553 -27.17 -11.25 -19.80
CA HIS A 553 -27.81 -10.03 -20.29
C HIS A 553 -29.31 -10.14 -20.24
N LYS A 554 -29.96 -9.10 -19.73
CA LYS A 554 -31.41 -9.08 -19.65
C LYS A 554 -31.99 -7.95 -20.49
N SER A 555 -33.05 -8.29 -21.21
CA SER A 555 -33.78 -7.34 -22.03
C SER A 555 -35.09 -7.99 -22.47
N ASP A 556 -36.15 -7.19 -22.54
CA ASP A 556 -37.38 -7.66 -23.13
C ASP A 556 -37.57 -6.96 -24.48
N ASN A 557 -37.38 -7.72 -25.55
CA ASN A 557 -37.09 -9.15 -25.40
C ASN A 557 -35.70 -9.55 -25.87
N GLY A 558 -35.14 -10.56 -25.19
CA GLY A 558 -33.83 -11.10 -25.50
C GLY A 558 -32.96 -11.27 -24.26
N SER A 559 -33.12 -12.39 -23.56
CA SER A 559 -32.36 -12.63 -22.33
C SER A 559 -31.46 -13.87 -22.42
N VAL A 560 -30.33 -13.80 -21.72
CA VAL A 560 -29.33 -14.88 -21.77
C VAL A 560 -28.41 -14.91 -20.54
N GLY A 561 -28.18 -16.11 -20.01
CA GLY A 561 -27.21 -16.31 -18.95
C GLY A 561 -26.38 -17.55 -19.24
N ALA A 562 -25.06 -17.46 -19.08
CA ALA A 562 -24.19 -18.57 -19.48
C ALA A 562 -22.89 -18.70 -18.70
N VAL A 563 -22.48 -19.94 -18.45
CA VAL A 563 -21.19 -20.24 -17.87
C VAL A 563 -20.50 -21.29 -18.74
N PHE A 564 -19.18 -21.20 -18.87
CA PHE A 564 -18.46 -22.17 -19.68
C PHE A 564 -17.12 -22.49 -19.07
N GLY A 565 -16.50 -23.58 -19.52
CA GLY A 565 -15.18 -23.97 -19.07
C GLY A 565 -14.49 -24.76 -20.17
N ALA A 566 -13.17 -24.81 -20.16
CA ALA A 566 -12.46 -25.58 -21.17
C ALA A 566 -11.05 -25.96 -20.70
N LYS A 567 -10.59 -27.10 -21.21
CA LYS A 567 -9.33 -27.70 -20.82
C LYS A 567 -8.31 -27.52 -21.95
N ARG A 568 -7.07 -27.17 -21.60
CA ARG A 568 -6.05 -26.97 -22.61
C ARG A 568 -5.66 -28.29 -23.27
N GLN A 569 -5.51 -28.23 -24.59
CA GLN A 569 -5.34 -29.40 -25.42
C GLN A 569 -3.87 -29.60 -25.83
N ILE A 570 -3.53 -30.79 -26.30
CA ILE A 570 -2.23 -31.02 -26.94
C ILE A 570 -2.41 -31.48 -28.39
N GLU A 571 -1.32 -31.41 -29.16
CA GLU A 571 -1.31 -31.75 -30.58
C GLU A 571 -2.18 -30.78 -31.39
N GLN B 24 -8.00 31.51 -31.23
CA GLN B 24 -7.64 32.38 -30.10
C GLN B 24 -7.37 31.57 -28.82
N ASP B 25 -6.22 31.80 -28.20
CA ASP B 25 -5.86 31.10 -26.96
C ASP B 25 -6.89 31.36 -25.87
N GLU B 26 -7.19 30.32 -25.10
CA GLU B 26 -8.09 30.41 -23.96
C GLU B 26 -7.54 31.42 -22.94
N GLU B 27 -8.45 32.16 -22.31
CA GLU B 27 -8.08 33.11 -21.26
C GLU B 27 -7.95 32.37 -19.93
N THR B 28 -6.85 32.61 -19.22
CA THR B 28 -6.61 31.96 -17.93
C THR B 28 -6.10 32.94 -16.89
N LYS B 29 -6.36 32.62 -15.62
CA LYS B 29 -5.80 33.40 -14.52
C LYS B 29 -4.37 32.96 -14.25
N LYS B 30 -3.49 33.95 -14.08
CA LYS B 30 -2.08 33.71 -13.85
C LYS B 30 -1.85 32.77 -12.66
N LYS B 31 -0.78 32.00 -12.72
CA LYS B 31 -0.36 31.19 -11.59
C LYS B 31 0.10 32.10 -10.46
N THR B 32 -0.36 31.83 -9.24
CA THR B 32 0.04 32.63 -8.09
C THR B 32 1.49 32.36 -7.75
N LYS B 33 2.31 33.40 -7.77
CA LYS B 33 3.73 33.27 -7.46
C LYS B 33 3.96 33.37 -5.95
N GLU B 34 4.60 32.35 -5.39
CA GLU B 34 4.89 32.33 -3.97
C GLU B 34 6.26 32.93 -3.72
N GLU B 35 6.49 33.44 -2.51
CA GLU B 35 7.86 33.71 -2.11
C GLU B 35 8.16 33.13 -0.73
N LEU B 36 9.22 32.34 -0.69
CA LEU B 36 9.59 31.56 0.49
C LEU B 36 10.77 32.18 1.22
N ASP B 37 10.79 32.06 2.54
CA ASP B 37 12.03 32.29 3.29
C ASP B 37 13.08 31.31 2.76
N LYS B 38 14.34 31.68 2.91
CA LYS B 38 15.44 30.92 2.32
C LYS B 38 15.36 29.46 2.76
N LEU B 39 15.08 29.24 4.04
CA LEU B 39 15.06 27.89 4.59
C LEU B 39 13.92 27.04 4.05
N MET B 40 12.94 27.66 3.42
CA MET B 40 11.82 26.91 2.91
C MET B 40 12.01 26.60 1.42
N GLU B 41 13.12 27.09 0.84
CA GLU B 41 13.44 26.74 -0.55
C GLU B 41 13.79 25.26 -0.63
N PRO B 42 13.28 24.56 -1.64
CA PRO B 42 13.53 23.13 -1.80
C PRO B 42 14.94 22.86 -2.33
N THR B 43 15.61 21.85 -1.79
CA THR B 43 16.95 21.46 -2.26
C THR B 43 17.06 19.94 -2.21
N LEU B 44 18.01 19.36 -2.94
CA LEU B 44 18.21 17.93 -2.92
C LEU B 44 18.54 17.43 -1.52
N GLY B 45 19.41 18.18 -0.85
CA GLY B 45 19.76 17.92 0.53
C GLY B 45 20.19 19.17 1.26
N VAL B 46 20.48 19.04 2.55
CA VAL B 46 20.86 20.16 3.39
C VAL B 46 21.86 19.62 4.39
N GLU B 47 22.88 20.41 4.72
CA GLU B 47 23.86 20.07 5.75
C GLU B 47 24.22 21.26 6.67
N ALA B 48 24.60 20.97 7.91
CA ALA B 48 25.19 21.97 8.80
C ALA B 48 26.35 21.33 9.58
N LYS B 49 27.40 22.11 9.79
CA LYS B 49 28.52 21.71 10.63
C LYS B 49 28.13 21.66 12.10
N ILE B 50 28.69 20.70 12.83
CA ILE B 50 28.46 20.54 14.26
C ILE B 50 29.22 21.60 15.07
N PRO B 51 28.51 22.51 15.75
CA PRO B 51 29.24 23.55 16.50
C PRO B 51 30.24 23.01 17.52
N ARG B 52 31.37 23.71 17.63
CA ARG B 52 32.47 23.42 18.57
C ARG B 52 32.87 24.75 19.16
N ARG B 53 33.06 24.82 20.47
CA ARG B 53 33.45 26.09 21.10
C ARG B 53 34.90 26.41 20.80
N ASN B 54 35.20 27.66 20.48
CA ASN B 54 36.61 28.09 20.37
C ASN B 54 37.17 28.28 21.76
N ARG B 55 38.18 27.50 22.11
CA ARG B 55 38.75 27.54 23.44
C ARG B 55 40.00 28.41 23.52
N ALA B 56 40.41 29.00 22.40
CA ALA B 56 41.62 29.83 22.37
C ALA B 56 41.53 31.03 23.30
N LEU B 57 42.68 31.47 23.80
CA LEU B 57 42.74 32.49 24.84
C LEU B 57 43.04 33.87 24.27
N ALA B 58 43.51 33.92 23.02
CA ALA B 58 43.83 35.19 22.39
C ALA B 58 43.04 35.35 21.09
N ASP B 59 42.92 36.59 20.61
CA ASP B 59 42.25 36.79 19.32
C ASP B 59 43.28 36.85 18.20
N LYS B 60 42.81 36.96 16.96
CA LYS B 60 43.71 36.87 15.82
C LYS B 60 44.77 37.99 15.82
N GLU B 61 44.44 39.13 16.44
CA GLU B 61 45.42 40.21 16.53
C GLU B 61 46.46 39.96 17.61
N GLY B 62 46.33 38.87 18.38
CA GLY B 62 47.34 38.53 19.36
C GLY B 62 47.08 39.04 20.76
N ASN B 63 45.96 39.74 20.94
CA ASN B 63 45.57 40.24 22.25
C ASN B 63 44.78 39.21 23.01
N ARG B 64 44.97 39.17 24.32
CA ARG B 64 44.29 38.19 25.16
C ARG B 64 42.80 38.52 25.28
N LYS B 65 41.97 37.48 25.24
CA LYS B 65 40.54 37.69 25.36
C LYS B 65 40.22 38.03 26.79
N ALA B 66 39.36 39.03 26.97
CA ALA B 66 38.91 39.43 28.27
C ALA B 66 38.12 38.29 28.89
N THR B 67 37.38 37.59 28.04
CA THR B 67 36.63 36.39 28.42
C THR B 67 36.76 35.34 27.31
N PRO B 68 37.04 34.08 27.68
CA PRO B 68 36.95 32.97 26.71
C PRO B 68 35.55 32.88 26.12
N ASP B 69 35.44 32.51 24.84
CA ASP B 69 34.14 32.23 24.22
C ASP B 69 33.27 31.36 25.11
N THR B 70 31.98 31.69 25.16
CA THR B 70 31.02 30.89 25.91
C THR B 70 29.97 30.27 24.99
N THR B 71 30.00 30.60 23.70
CA THR B 71 29.01 30.12 22.74
C THR B 71 29.65 29.74 21.41
N ASP B 72 28.97 28.90 20.64
CA ASP B 72 29.19 28.80 19.21
C ASP B 72 27.80 28.54 18.63
N GLU B 73 27.32 29.52 17.87
CA GLU B 73 25.90 29.60 17.53
C GLU B 73 25.56 28.84 16.25
N LEU B 74 24.31 28.42 16.14
CA LEU B 74 23.79 27.98 14.85
C LEU B 74 23.16 29.17 14.17
N SER B 75 23.26 29.25 12.86
CA SER B 75 22.60 30.33 12.14
C SER B 75 22.15 29.78 10.81
N GLU B 76 21.24 30.51 10.20
CA GLU B 76 20.70 30.17 8.91
C GLU B 76 21.81 30.16 7.86
N ALA B 77 22.81 31.01 8.05
CA ALA B 77 23.95 31.03 7.14
C ALA B 77 24.72 29.72 7.18
N GLN B 78 24.62 28.98 8.28
CA GLN B 78 25.41 27.75 8.41
C GLN B 78 24.65 26.54 7.92
N ILE B 79 23.43 26.76 7.44
CA ILE B 79 22.60 25.67 6.93
C ILE B 79 22.71 25.71 5.41
N MET B 80 23.39 24.71 4.86
CA MET B 80 23.83 24.79 3.48
C MET B 80 23.12 23.79 2.58
N ALA B 81 22.67 24.26 1.43
CA ALA B 81 22.13 23.38 0.41
C ALA B 81 23.24 22.49 -0.14
N ILE B 82 22.95 21.21 -0.34
CA ILE B 82 23.89 20.33 -1.00
C ILE B 82 23.16 19.63 -2.15
N TRP B 83 23.90 19.11 -3.11
CA TRP B 83 23.29 18.68 -4.35
C TRP B 83 24.00 17.55 -5.07
N ASN B 84 24.83 16.78 -4.38
CA ASN B 84 25.57 15.67 -4.99
C ASN B 84 24.61 14.70 -5.65
N GLU B 85 24.91 14.34 -6.89
CA GLU B 85 24.07 13.43 -7.65
C GLU B 85 24.28 11.97 -7.22
N ASN B 86 25.41 11.70 -6.57
CA ASN B 86 25.78 10.33 -6.21
C ASN B 86 25.60 10.06 -4.71
N ILE B 87 24.49 9.44 -4.31
CA ILE B 87 24.22 9.33 -2.87
C ILE B 87 25.16 8.33 -2.19
N ASP B 88 25.88 7.54 -2.99
CA ASP B 88 26.88 6.63 -2.44
C ASP B 88 28.11 7.40 -1.99
N GLU B 89 28.25 8.62 -2.48
CA GLU B 89 29.34 9.50 -2.09
C GLU B 89 28.87 10.36 -0.90
N ILE B 90 29.25 9.94 0.31
CA ILE B 90 28.75 10.59 1.52
C ILE B 90 29.38 11.97 1.68
N PRO B 91 28.56 13.01 1.94
CA PRO B 91 29.06 14.36 2.17
C PRO B 91 30.23 14.43 3.13
N HIS B 92 31.33 15.04 2.69
CA HIS B 92 32.52 15.30 3.49
C HIS B 92 33.29 14.06 3.97
N LEU B 93 32.83 12.86 3.62
CA LEU B 93 33.51 11.64 4.09
C LEU B 93 34.96 11.58 3.59
N LYS B 94 35.17 11.82 2.31
CA LYS B 94 36.53 11.85 1.76
C LYS B 94 37.38 12.92 2.45
N GLU B 95 36.82 14.11 2.60
CA GLU B 95 37.51 15.25 3.25
C GLU B 95 37.97 14.92 4.66
N LEU B 96 37.05 14.39 5.46
CA LEU B 96 37.36 14.03 6.84
C LEU B 96 38.44 12.95 6.88
N ASN B 97 38.40 12.01 5.93
CA ASN B 97 39.44 10.98 5.86
C ASN B 97 40.81 11.54 5.52
N ASP B 98 40.87 12.53 4.62
CA ASP B 98 42.16 13.09 4.22
C ASP B 98 42.85 13.84 5.35
N LYS B 99 42.10 14.44 6.26
CA LYS B 99 42.73 15.27 7.29
C LYS B 99 42.74 14.65 8.69
N THR B 100 42.12 13.48 8.86
CA THR B 100 42.06 12.85 10.18
C THR B 100 43.44 12.41 10.71
N THR B 101 43.65 12.65 12.00
CA THR B 101 44.81 12.11 12.68
C THR B 101 44.36 11.02 13.67
N SER B 102 43.04 10.81 13.75
CA SER B 102 42.49 9.85 14.70
C SER B 102 42.26 8.49 14.08
N GLY B 103 41.90 8.48 12.80
CA GLY B 103 41.48 7.25 12.14
C GLY B 103 40.05 6.87 12.53
N LEU B 104 39.35 7.76 13.22
CA LEU B 104 38.04 7.39 13.76
C LEU B 104 36.91 8.09 12.99
N ILE B 105 36.70 7.65 11.76
CA ILE B 105 35.71 8.25 10.87
C ILE B 105 34.45 7.41 10.82
N TYR B 106 33.32 8.02 11.11
CA TYR B 106 32.05 7.30 11.13
C TYR B 106 30.95 8.07 10.41
N HIS B 107 29.98 7.34 9.87
CA HIS B 107 28.76 7.99 9.45
C HIS B 107 27.54 7.11 9.67
N SER B 108 26.38 7.75 9.67
CA SER B 108 25.12 7.15 10.10
C SER B 108 24.64 6.02 9.22
N HIS B 109 25.23 5.86 8.04
CA HIS B 109 24.91 4.72 7.19
C HIS B 109 26.05 3.67 7.08
N ASP B 110 27.06 3.74 7.95
CA ASP B 110 28.26 2.91 7.73
C ASP B 110 28.07 1.44 8.14
N GLY B 111 26.90 1.11 8.69
CA GLY B 111 26.55 -0.25 9.00
C GLY B 111 27.25 -0.94 10.17
N LYS B 112 27.99 -0.19 10.99
CA LYS B 112 28.83 -0.83 12.02
C LYS B 112 28.14 -1.03 13.35
N GLN B 113 26.97 -0.41 13.51
CA GLN B 113 26.06 -0.66 14.64
C GLN B 113 24.65 -0.71 14.10
N GLU B 114 23.72 -1.23 14.90
CA GLU B 114 22.34 -1.33 14.47
C GLU B 114 21.78 0.02 14.08
N ASP B 115 22.14 1.06 14.82
CA ASP B 115 21.54 2.37 14.59
C ASP B 115 22.15 3.02 13.33
N LYS B 116 23.21 2.40 12.81
CA LYS B 116 23.83 2.88 11.57
C LYS B 116 23.56 1.92 10.40
N LYS B 117 22.61 1.00 10.61
CA LYS B 117 22.10 0.16 9.53
C LYS B 117 20.76 0.72 9.05
N ARG B 118 20.80 1.47 7.97
CA ARG B 118 19.64 2.23 7.52
C ARG B 118 19.41 1.95 6.05
N ASN B 119 18.46 1.07 5.74
CA ASN B 119 18.30 0.62 4.36
CA ASN B 119 18.31 0.62 4.37
C ASN B 119 17.38 1.51 3.56
N LEU B 120 17.95 2.57 2.99
CA LEU B 120 17.24 3.50 2.13
C LEU B 120 17.82 3.40 0.74
N GLN B 121 16.99 3.56 -0.26
CA GLN B 121 17.46 3.40 -1.64
C GLN B 121 17.77 4.75 -2.28
N TYR B 122 17.01 5.78 -1.89
CA TYR B 122 17.08 7.08 -2.55
C TYR B 122 17.57 8.19 -1.62
N VAL B 123 17.62 7.91 -0.33
CA VAL B 123 17.97 8.92 0.66
C VAL B 123 19.17 8.50 1.52
N ARG B 124 20.00 9.48 1.88
CA ARG B 124 21.01 9.29 2.90
C ARG B 124 20.83 10.40 3.92
N SER B 125 20.98 10.09 5.20
CA SER B 125 20.81 11.15 6.17
C SER B 125 21.46 10.81 7.50
N GLY B 126 21.66 11.84 8.31
CA GLY B 126 22.14 11.64 9.66
C GLY B 126 23.38 12.46 9.93
N TYR B 127 24.54 11.81 9.93
CA TYR B 127 25.76 12.50 10.32
C TYR B 127 26.98 11.84 9.73
N VAL B 128 28.04 12.62 9.64
CA VAL B 128 29.32 12.12 9.18
C VAL B 128 30.33 12.90 9.98
N PHE B 129 31.22 12.20 10.65
CA PHE B 129 32.11 12.86 11.58
C PHE B 129 33.41 12.12 11.87
N ASP B 130 34.37 12.93 12.30
CA ASP B 130 35.60 12.48 12.93
C ASP B 130 35.40 12.54 14.44
N GLU B 131 35.62 11.43 15.12
CA GLU B 131 35.41 11.37 16.55
C GLU B 131 36.29 12.33 17.36
N SER B 132 37.49 12.62 16.86
CA SER B 132 38.42 13.46 17.61
C SER B 132 39.41 14.18 16.71
N TYR B 133 39.07 15.40 16.32
CA TYR B 133 39.89 16.17 15.42
C TYR B 133 40.22 17.48 16.11
N SER B 134 41.47 17.89 15.99
CA SER B 134 41.98 19.05 16.69
C SER B 134 42.23 20.15 15.70
N GLU B 135 41.57 21.29 15.86
CA GLU B 135 41.86 22.42 14.99
C GLU B 135 42.54 23.53 15.78
N ILE B 136 43.78 23.83 15.40
CA ILE B 136 44.54 24.89 16.03
C ILE B 136 45.10 25.84 14.99
N VAL B 137 44.58 27.06 14.98
CA VAL B 137 45.07 28.08 14.07
C VAL B 137 45.84 29.16 14.83
N LYS B 138 47.02 29.48 14.31
CA LYS B 138 47.86 30.55 14.87
C LYS B 138 47.93 31.69 13.86
N ASN B 139 48.43 32.84 14.28
CA ASN B 139 48.59 33.95 13.33
C ASN B 139 50.04 34.11 12.87
N LYS B 140 50.38 35.31 12.43
CA LYS B 140 51.75 35.60 12.04
C LYS B 140 52.65 35.63 13.27
N ASN B 141 52.16 36.24 14.35
CA ASN B 141 52.83 36.24 15.65
C ASN B 141 53.09 34.80 16.09
N GLY B 142 52.15 33.91 15.79
CA GLY B 142 52.24 32.52 16.20
C GLY B 142 51.45 32.28 17.48
N VAL B 143 50.44 33.11 17.72
CA VAL B 143 49.57 32.91 18.87
C VAL B 143 48.34 32.12 18.40
N PRO B 144 47.91 31.11 19.20
CA PRO B 144 46.70 30.41 18.77
C PRO B 144 45.46 31.25 19.04
N TYR B 145 44.68 31.52 17.99
CA TYR B 145 43.44 32.27 18.17
C TYR B 145 42.23 31.39 17.85
N ILE B 146 42.49 30.20 17.33
CA ILE B 146 41.45 29.19 17.19
C ILE B 146 41.97 27.89 17.77
N PHE B 147 41.20 27.35 18.71
CA PHE B 147 41.49 26.04 19.28
C PHE B 147 40.19 25.26 19.52
N LYS B 148 39.89 24.32 18.63
CA LYS B 148 38.71 23.49 18.75
C LYS B 148 39.11 22.03 18.75
N ASN B 149 38.41 21.20 19.50
CA ASN B 149 38.78 19.79 19.63
C ASN B 149 37.56 18.90 19.92
N GLY B 150 37.72 17.61 19.64
CA GLY B 150 36.63 16.66 19.78
C GLY B 150 35.95 16.36 18.46
N ILE B 151 34.66 16.04 18.53
CA ILE B 151 33.92 15.62 17.33
C ILE B 151 33.94 16.74 16.30
N ASP B 152 34.24 16.38 15.05
CA ASP B 152 34.25 17.32 13.94
C ASP B 152 33.43 16.69 12.84
N GLY B 153 32.35 17.33 12.43
CA GLY B 153 31.44 16.66 11.53
C GLY B 153 30.23 17.45 11.08
N TYR B 154 29.26 16.75 10.50
CA TYR B 154 28.13 17.37 9.84
C TYR B 154 26.85 16.61 10.15
N ILE B 155 25.74 17.33 10.24
CA ILE B 155 24.40 16.75 10.25
C ILE B 155 23.82 17.04 8.89
N TYR B 156 23.17 16.07 8.26
CA TYR B 156 22.73 16.31 6.87
C TYR B 156 21.58 15.43 6.45
N TYR B 157 20.98 15.78 5.33
CA TYR B 157 20.17 14.81 4.61
C TYR B 157 20.45 15.11 3.16
N LEU B 158 20.36 14.07 2.35
CA LEU B 158 20.56 14.16 0.91
C LEU B 158 19.67 13.15 0.23
N GLY B 159 18.93 13.63 -0.75
CA GLY B 159 18.03 12.78 -1.49
C GLY B 159 18.32 12.83 -2.98
N THR B 160 17.81 11.83 -3.67
CA THR B 160 18.00 11.69 -5.10
C THR B 160 16.65 11.36 -5.74
N SER B 161 16.46 11.84 -6.96
CA SER B 161 15.23 11.59 -7.71
C SER B 161 13.97 12.14 -7.02
N PRO B 162 13.86 13.48 -6.91
CA PRO B 162 12.65 14.12 -6.37
C PRO B 162 11.42 13.58 -7.08
N SER B 163 10.48 13.03 -6.31
CA SER B 163 9.41 12.21 -6.85
C SER B 163 8.55 12.93 -7.87
N LYS B 164 8.29 12.26 -8.99
CA LYS B 164 7.47 12.81 -10.05
C LYS B 164 6.08 12.19 -10.02
N GLU B 165 5.91 11.15 -9.21
CA GLU B 165 4.59 10.57 -8.95
C GLU B 165 4.35 10.39 -7.46
N LEU B 166 3.10 10.56 -7.03
CA LEU B 166 2.74 10.42 -5.62
C LEU B 166 1.64 9.36 -5.46
N PRO B 167 1.71 8.57 -4.38
CA PRO B 167 0.67 7.57 -4.11
C PRO B 167 -0.69 8.22 -3.90
N LYS B 168 -1.75 7.48 -4.19
CA LYS B 168 -3.10 7.90 -3.81
C LYS B 168 -3.38 7.37 -2.41
N GLY B 169 -4.25 8.04 -1.66
CA GLY B 169 -4.66 7.53 -0.37
C GLY B 169 -4.68 8.55 0.75
N ASN B 170 -5.32 8.19 1.86
CA ASN B 170 -5.48 9.10 2.98
C ASN B 170 -4.47 8.82 4.09
N LYS B 171 -3.81 7.67 4.02
CA LYS B 171 -2.83 7.35 5.03
C LYS B 171 -1.77 6.40 4.53
N VAL B 172 -0.63 6.95 4.12
CA VAL B 172 0.56 6.15 3.84
C VAL B 172 1.59 6.37 4.93
N THR B 173 1.99 5.31 5.61
CA THR B 173 2.98 5.37 6.70
C THR B 173 4.43 5.24 6.21
N TYR B 174 5.30 6.12 6.73
CA TYR B 174 6.73 6.09 6.44
C TYR B 174 7.44 5.90 7.76
N LYS B 175 8.50 5.08 7.77
CA LYS B 175 9.28 4.87 8.99
C LYS B 175 10.77 5.07 8.74
N GLY B 176 11.47 5.57 9.75
CA GLY B 176 12.90 5.79 9.62
C GLY B 176 13.52 6.42 10.86
N THR B 177 14.36 7.43 10.64
CA THR B 177 15.14 7.99 11.73
C THR B 177 15.04 9.51 11.76
N TRP B 178 15.68 10.12 12.75
CA TRP B 178 16.00 11.53 12.71
C TRP B 178 17.33 11.72 13.43
N ASP B 179 17.92 12.90 13.26
CA ASP B 179 19.23 13.22 13.82
C ASP B 179 19.32 14.72 14.03
N PHE B 180 20.21 15.17 14.92
CA PHE B 180 20.20 16.58 15.29
C PHE B 180 21.56 17.03 15.76
N THR B 181 21.82 18.34 15.64
CA THR B 181 22.88 18.96 16.40
C THR B 181 22.29 20.18 17.09
N SER B 182 22.73 20.45 18.30
CA SER B 182 22.32 21.67 18.97
C SER B 182 23.37 22.73 18.66
N ASP B 183 23.24 23.88 19.32
CA ASP B 183 24.29 24.85 19.31
C ASP B 183 25.14 24.70 20.58
N VAL B 184 26.06 25.62 20.81
CA VAL B 184 26.94 25.49 21.96
C VAL B 184 26.80 26.69 22.89
N LYS B 185 26.65 26.41 24.18
CA LYS B 185 26.67 27.41 25.27
C LYS B 185 27.26 26.77 26.48
N THR B 186 28.28 27.38 27.08
CA THR B 186 28.85 26.84 28.32
C THR B 186 27.83 26.79 29.48
N SER B 187 26.76 27.57 29.40
CA SER B 187 25.75 27.55 30.45
C SER B 187 24.81 26.33 30.36
N TYR B 188 24.83 25.63 29.21
CA TYR B 188 24.00 24.44 29.03
C TYR B 188 24.28 23.37 30.08
N GLU B 189 23.23 22.86 30.70
CA GLU B 189 23.35 21.74 31.62
C GLU B 189 22.37 20.67 31.18
N LEU B 190 22.73 19.96 30.11
CA LEU B 190 21.80 19.01 29.50
C LEU B 190 21.96 17.64 30.13
N SER B 191 20.89 16.84 30.16
CA SER B 191 21.03 15.45 30.59
C SER B 191 20.86 14.47 29.43
N GLY B 192 21.47 13.31 29.55
CA GLY B 192 21.30 12.28 28.54
C GLY B 192 22.38 12.29 27.48
N PHE B 193 23.39 13.14 27.64
CA PHE B 193 24.48 13.25 26.65
C PHE B 193 25.83 12.93 27.26
N SER B 194 26.67 12.22 26.51
CA SER B 194 28.06 11.96 26.94
C SER B 194 28.92 13.21 26.95
N ASP B 195 30.08 13.13 27.60
CA ASP B 195 31.04 14.24 27.63
C ASP B 195 31.64 14.54 26.24
N ALA B 196 31.37 13.69 25.26
CA ALA B 196 31.78 13.93 23.89
C ALA B 196 30.94 15.02 23.21
N GLY B 197 29.86 15.45 23.86
CA GLY B 197 29.00 16.46 23.27
C GLY B 197 27.78 16.72 24.13
N ASN B 198 27.92 17.62 25.09
CA ASN B 198 26.84 17.99 25.97
C ASN B 198 26.53 19.47 25.87
N GLY B 199 26.91 20.10 24.76
CA GLY B 199 26.63 21.51 24.51
C GLY B 199 27.61 22.54 25.06
N LYS B 200 28.52 22.11 25.92
CA LYS B 200 29.46 23.03 26.56
C LYS B 200 30.71 23.30 25.70
N ASN B 201 31.28 22.25 25.13
CA ASN B 201 32.46 22.43 24.29
C ASN B 201 32.22 21.95 22.87
N VAL B 202 31.36 20.95 22.74
CA VAL B 202 30.93 20.41 21.48
C VAL B 202 29.39 20.33 21.55
N ALA B 203 28.70 20.54 20.43
CA ALA B 203 27.24 20.46 20.41
C ALA B 203 26.74 19.13 20.91
N ALA B 204 25.58 19.15 21.56
CA ALA B 204 24.85 17.92 21.83
C ALA B 204 24.28 17.42 20.52
N THR B 205 24.50 16.16 20.19
CA THR B 205 24.05 15.62 18.92
C THR B 205 23.41 14.26 19.08
N SER B 206 22.84 13.73 18.01
CA SER B 206 22.37 12.36 18.04
C SER B 206 23.55 11.37 18.04
N ILE B 207 24.78 11.87 17.93
CA ILE B 207 25.99 11.05 18.10
C ILE B 207 26.29 10.83 19.59
N SER B 208 26.12 11.86 20.40
CA SER B 208 26.55 11.82 21.80
C SER B 208 25.40 11.49 22.77
N ASP B 209 24.16 11.45 22.25
CA ASP B 209 22.97 11.10 23.05
C ASP B 209 23.16 9.69 23.60
N ASN B 210 22.71 9.42 24.83
CA ASN B 210 22.84 8.08 25.39
CA ASN B 210 22.83 8.06 25.40
C ASN B 210 21.62 7.23 25.05
N VAL B 211 21.58 6.71 23.84
CA VAL B 211 20.44 5.96 23.34
C VAL B 211 20.83 4.51 23.03
N ASN B 212 19.84 3.67 22.73
CA ASN B 212 20.12 2.29 22.36
C ASN B 212 20.65 2.21 20.93
N ARG B 213 21.88 1.74 20.77
CA ARG B 213 22.55 1.69 19.48
C ARG B 213 22.79 0.28 18.93
N ASP B 214 22.79 -0.73 19.78
CA ASP B 214 23.19 -2.05 19.31
C ASP B 214 22.27 -3.20 19.68
N HIS B 215 21.05 -2.93 20.10
CA HIS B 215 20.08 -4.01 20.31
C HIS B 215 18.91 -3.84 19.35
N LYS B 216 18.62 -4.88 18.58
CA LYS B 216 17.56 -4.83 17.59
C LYS B 216 16.19 -4.78 18.27
N VAL B 217 15.23 -4.10 17.64
CA VAL B 217 13.86 -4.08 18.16
C VAL B 217 13.31 -5.50 18.18
N GLY B 218 12.80 -5.92 19.33
CA GLY B 218 12.28 -7.25 19.46
C GLY B 218 13.09 -8.09 20.43
N GLU B 219 14.39 -7.81 20.52
CA GLU B 219 15.24 -8.50 21.48
C GLU B 219 14.69 -8.32 22.89
N LYS B 220 15.03 -9.25 23.76
CA LYS B 220 14.65 -9.16 25.16
C LYS B 220 15.93 -9.28 25.98
N LEU B 221 16.16 -8.31 26.87
CA LEU B 221 17.30 -8.40 27.78
C LEU B 221 16.74 -8.63 29.17
N GLY B 222 16.77 -9.89 29.60
CA GLY B 222 16.00 -10.32 30.74
C GLY B 222 14.55 -10.28 30.30
N ASP B 223 13.69 -9.62 31.08
CA ASP B 223 12.30 -9.47 30.68
C ASP B 223 12.06 -8.12 29.98
N ASN B 224 13.13 -7.34 29.83
CA ASN B 224 13.06 -6.03 29.19
C ASN B 224 13.09 -6.12 27.67
N GLU B 225 11.94 -5.84 27.05
CA GLU B 225 11.78 -5.93 25.60
C GLU B 225 12.27 -4.66 24.91
N VAL B 226 13.09 -4.81 23.87
CA VAL B 226 13.60 -3.67 23.14
C VAL B 226 12.51 -3.09 22.23
N LYS B 227 12.16 -1.84 22.47
CA LYS B 227 11.05 -1.23 21.71
C LYS B 227 11.53 -0.31 20.59
N GLY B 228 12.77 0.19 20.70
CA GLY B 228 13.30 1.08 19.68
C GLY B 228 14.81 1.24 19.59
N VAL B 229 15.29 1.67 18.44
CA VAL B 229 16.69 1.95 18.23
C VAL B 229 16.95 3.46 18.05
N ALA B 230 17.83 4.00 18.89
CA ALA B 230 18.34 5.38 18.77
C ALA B 230 17.21 6.40 18.58
N HIS B 231 17.24 7.12 17.45
CA HIS B 231 16.27 8.21 17.24
C HIS B 231 15.40 7.85 16.06
N SER B 232 14.15 7.48 16.32
CA SER B 232 13.27 6.97 15.26
C SER B 232 12.13 7.92 14.92
N SER B 233 11.67 7.81 13.69
CA SER B 233 10.65 8.69 13.17
C SER B 233 9.55 7.87 12.55
N GLU B 234 8.36 8.43 12.54
CA GLU B 234 7.24 7.77 11.90
C GLU B 234 6.33 8.82 11.36
N PHE B 235 5.90 8.66 10.11
CA PHE B 235 5.02 9.64 9.51
C PHE B 235 3.76 9.00 8.92
N ALA B 236 2.65 9.71 9.03
CA ALA B 236 1.42 9.35 8.32
C ALA B 236 1.13 10.42 7.25
N VAL B 237 1.19 10.03 5.99
CA VAL B 237 1.00 10.99 4.92
C VAL B 237 -0.36 10.86 4.28
N ASP B 238 -1.13 11.96 4.26
CA ASP B 238 -2.42 11.98 3.60
C ASP B 238 -2.26 12.65 2.24
N PHE B 239 -1.87 11.87 1.24
CA PHE B 239 -1.61 12.41 -0.08
C PHE B 239 -2.85 13.04 -0.72
N ASP B 240 -4.03 12.47 -0.49
CA ASP B 240 -5.24 12.99 -1.10
C ASP B 240 -5.55 14.40 -0.57
N ASN B 241 -5.25 14.66 0.69
CA ASN B 241 -5.48 15.97 1.28
C ASN B 241 -4.20 16.82 1.34
N LYS B 242 -3.14 16.35 0.70
CA LYS B 242 -1.86 17.07 0.61
C LYS B 242 -1.31 17.47 1.98
N LYS B 243 -1.38 16.55 2.94
CA LYS B 243 -0.98 16.85 4.32
C LYS B 243 -0.22 15.68 4.91
N LEU B 244 0.55 15.94 5.96
CA LEU B 244 1.16 14.85 6.70
C LEU B 244 1.35 15.23 8.17
N THR B 245 1.45 14.21 8.99
CA THR B 245 1.86 14.37 10.38
C THR B 245 2.95 13.37 10.67
N GLY B 246 3.53 13.47 11.86
CA GLY B 246 4.54 12.51 12.26
C GLY B 246 5.02 12.72 13.67
N SER B 247 5.87 11.81 14.14
CA SER B 247 6.43 11.86 15.48
C SER B 247 7.92 11.51 15.46
N LEU B 248 8.71 12.15 16.32
CA LEU B 248 10.12 11.80 16.46
C LEU B 248 10.37 11.29 17.87
N TYR B 249 10.97 10.10 17.98
CA TYR B 249 11.15 9.44 19.27
C TYR B 249 12.61 9.32 19.68
N ARG B 250 12.87 9.43 20.98
CA ARG B 250 14.18 9.06 21.53
C ARG B 250 14.07 7.71 22.24
N ASN B 251 14.83 6.73 21.75
CA ASN B 251 14.82 5.38 22.33
C ASN B 251 16.03 5.11 23.23
N GLY B 252 15.85 5.21 24.54
CA GLY B 252 16.96 5.21 25.47
C GLY B 252 17.74 3.90 25.54
N TYR B 253 18.84 3.90 26.27
CA TYR B 253 19.69 2.71 26.35
C TYR B 253 19.03 1.66 27.22
N ILE B 254 19.16 0.40 26.82
CA ILE B 254 18.48 -0.69 27.49
C ILE B 254 19.45 -1.80 27.88
N ASN B 255 19.30 -2.33 29.09
CA ASN B 255 20.03 -3.53 29.50
C ASN B 255 19.11 -4.53 30.21
N ARG B 256 19.68 -5.34 31.11
CA ARG B 256 18.89 -6.32 31.84
C ARG B 256 18.23 -5.71 33.08
N ASN B 257 18.91 -4.73 33.68
CA ASN B 257 18.41 -4.08 34.89
C ASN B 257 17.95 -2.66 34.64
N LYS B 258 17.26 -2.46 33.51
CA LYS B 258 16.70 -1.16 33.14
C LYS B 258 15.83 -1.29 31.89
N ALA B 259 14.52 -1.18 32.06
CA ALA B 259 13.59 -1.18 30.91
C ALA B 259 13.83 0.05 30.04
N GLN B 260 13.46 -0.04 28.76
CA GLN B 260 13.78 1.04 27.83
C GLN B 260 12.84 2.23 27.96
N GLU B 261 13.41 3.42 28.14
CA GLU B 261 12.60 4.63 28.10
C GLU B 261 12.49 5.16 26.68
N VAL B 262 11.27 5.11 26.15
CA VAL B 262 10.95 5.68 24.85
C VAL B 262 10.19 7.00 25.01
N THR B 263 10.80 8.14 24.67
CA THR B 263 10.07 9.40 24.74
C THR B 263 9.88 10.06 23.39
N LYS B 264 8.68 10.56 23.16
CA LYS B 264 8.41 11.33 21.97
C LYS B 264 8.92 12.75 22.21
N ARG B 265 9.82 13.22 21.33
CA ARG B 265 10.39 14.57 21.41
C ARG B 265 9.63 15.61 20.60
N TYR B 266 9.09 15.18 19.46
CA TYR B 266 8.46 16.11 18.54
C TYR B 266 7.23 15.51 17.89
N SER B 267 6.22 16.35 17.66
CA SER B 267 5.15 16.10 16.69
C SER B 267 5.41 16.99 15.47
N ILE B 268 5.01 16.50 14.30
CA ILE B 268 5.25 17.22 13.06
C ILE B 268 3.96 17.36 12.27
N GLU B 269 3.73 18.54 11.69
CA GLU B 269 2.66 18.67 10.72
C GLU B 269 3.22 19.45 9.53
N ALA B 270 2.79 19.09 8.34
CA ALA B 270 3.25 19.81 7.15
C ALA B 270 2.22 19.74 6.05
N ASP B 271 2.31 20.68 5.12
CA ASP B 271 1.47 20.67 3.92
C ASP B 271 2.31 20.40 2.69
N ILE B 272 1.73 19.67 1.75
CA ILE B 272 2.44 19.21 0.58
C ILE B 272 2.19 20.11 -0.62
N THR B 273 3.28 20.51 -1.27
CA THR B 273 3.26 21.26 -2.53
C THR B 273 4.28 20.66 -3.47
N GLY B 274 3.85 20.25 -4.66
CA GLY B 274 4.74 19.59 -5.60
C GLY B 274 5.14 18.28 -4.98
N ASN B 275 6.44 17.98 -4.96
CA ASN B 275 6.92 16.83 -4.22
C ASN B 275 7.59 17.24 -2.89
N ARG B 276 7.29 18.44 -2.42
CA ARG B 276 7.87 18.95 -1.18
C ARG B 276 6.83 19.12 -0.10
N PHE B 277 7.27 19.34 1.13
CA PHE B 277 6.35 19.69 2.20
C PHE B 277 7.01 20.73 3.10
N ARG B 278 6.18 21.58 3.69
CA ARG B 278 6.58 22.68 4.53
C ARG B 278 5.71 22.66 5.78
N GLY B 279 6.31 22.86 6.95
CA GLY B 279 5.50 22.89 8.14
C GLY B 279 6.25 23.22 9.41
N LYS B 280 5.89 22.53 10.48
CA LYS B 280 6.33 22.87 11.82
C LYS B 280 6.67 21.60 12.57
N ALA B 281 7.52 21.75 13.58
CA ALA B 281 7.79 20.68 14.52
C ALA B 281 7.44 21.26 15.87
N LYS B 282 6.61 20.54 16.62
CA LYS B 282 6.16 20.97 17.94
C LYS B 282 6.88 20.16 19.00
N ALA B 283 7.55 20.83 19.92
CA ALA B 283 8.23 20.14 21.01
C ALA B 283 7.22 19.50 21.94
N GLU B 284 7.44 18.23 22.30
CA GLU B 284 6.48 17.52 23.11
C GLU B 284 6.77 17.63 24.60
N LYS B 285 8.01 17.96 24.95
CA LYS B 285 8.31 18.10 26.37
C LYS B 285 8.66 19.54 26.67
N ALA B 286 8.05 20.07 27.73
CA ALA B 286 8.18 21.47 28.09
C ALA B 286 9.46 21.74 28.86
N GLY B 287 10.02 22.92 28.67
CA GLY B 287 11.15 23.36 29.45
C GLY B 287 12.51 22.85 29.00
N ASP B 288 12.60 22.27 27.80
CA ASP B 288 13.90 21.74 27.36
C ASP B 288 14.69 22.83 26.65
N PRO B 289 15.93 23.10 27.11
CA PRO B 289 16.60 24.26 26.51
C PRO B 289 16.98 24.09 25.05
N ILE B 290 17.10 22.87 24.52
CA ILE B 290 17.41 22.78 23.07
C ILE B 290 16.30 22.17 22.20
N PHE B 291 15.50 21.26 22.76
CA PHE B 291 14.43 20.62 21.99
C PHE B 291 13.18 21.50 22.08
N THR B 292 13.17 22.54 21.26
CA THR B 292 12.13 23.55 21.24
C THR B 292 11.39 23.54 19.89
N ASP B 293 10.37 24.37 19.80
CA ASP B 293 9.50 24.50 18.62
C ASP B 293 10.24 25.03 17.38
N SER B 294 9.76 24.62 16.20
CA SER B 294 10.24 25.16 14.94
C SER B 294 9.13 25.49 13.97
N ASN B 295 9.19 26.68 13.39
CA ASN B 295 8.31 27.07 12.31
C ASN B 295 8.92 26.80 10.95
N TYR B 296 10.10 26.18 10.95
CA TYR B 296 10.89 26.05 9.73
C TYR B 296 11.22 24.63 9.37
N LEU B 297 10.18 23.85 9.09
CA LEU B 297 10.36 22.49 8.66
C LEU B 297 10.09 22.40 7.17
N GLU B 298 11.02 21.78 6.43
CA GLU B 298 10.87 21.60 4.99
C GLU B 298 11.55 20.30 4.59
N GLY B 299 10.96 19.61 3.65
CA GLY B 299 11.60 18.42 3.11
C GLY B 299 10.91 17.99 1.85
N GLY B 300 11.23 16.80 1.37
CA GLY B 300 10.60 16.30 0.15
C GLY B 300 10.53 14.79 0.07
N PHE B 301 9.75 14.33 -0.91
CA PHE B 301 9.66 12.93 -1.29
C PHE B 301 10.69 12.60 -2.36
N TYR B 302 11.30 11.43 -2.22
CA TYR B 302 12.35 10.98 -3.12
C TYR B 302 12.07 9.55 -3.58
N GLY B 303 12.56 9.22 -4.78
CA GLY B 303 12.23 7.99 -5.48
C GLY B 303 11.12 8.23 -6.48
N PRO B 304 11.14 7.54 -7.63
CA PRO B 304 10.16 7.77 -8.71
C PRO B 304 8.71 7.82 -8.25
N LYS B 305 8.34 6.99 -7.27
CA LYS B 305 6.96 6.94 -6.79
C LYS B 305 6.83 7.34 -5.31
N ALA B 306 7.77 8.14 -4.84
CA ALA B 306 7.80 8.67 -3.46
C ALA B 306 7.93 7.57 -2.41
N GLU B 307 8.80 6.59 -2.67
CA GLU B 307 8.96 5.52 -1.70
C GLU B 307 9.64 6.02 -0.43
N GLU B 308 10.34 7.16 -0.52
CA GLU B 308 11.03 7.70 0.64
C GLU B 308 10.81 9.22 0.83
N MET B 309 11.13 9.71 2.02
CA MET B 309 10.98 11.13 2.34
C MET B 309 12.11 11.54 3.26
N ALA B 310 12.50 12.81 3.18
CA ALA B 310 13.55 13.34 4.03
C ALA B 310 13.42 14.86 4.16
N GLY B 311 13.81 15.39 5.31
CA GLY B 311 13.76 16.83 5.47
C GLY B 311 14.55 17.30 6.67
N LYS B 312 14.39 18.57 7.03
CA LYS B 312 15.13 19.18 8.13
C LYS B 312 14.26 20.23 8.81
N PHE B 313 14.60 20.63 10.04
CA PHE B 313 14.00 21.83 10.61
C PHE B 313 15.03 22.52 11.48
N PHE B 314 14.76 23.79 11.79
CA PHE B 314 15.68 24.63 12.53
C PHE B 314 14.83 25.38 13.54
N THR B 315 15.18 25.28 14.81
CA THR B 315 14.22 25.76 15.81
C THR B 315 14.23 27.27 15.88
N ASN B 316 13.13 27.84 16.38
CA ASN B 316 12.96 29.29 16.31
C ASN B 316 13.96 30.04 17.22
N ASN B 317 14.38 29.42 18.32
CA ASN B 317 15.42 30.03 19.16
C ASN B 317 16.85 29.63 18.73
N LYS B 318 16.96 29.04 17.53
CA LYS B 318 18.23 28.63 16.92
C LYS B 318 19.05 27.63 17.77
N SER B 319 18.37 26.86 18.60
CA SER B 319 19.05 25.90 19.45
C SER B 319 19.32 24.53 18.82
N LEU B 320 18.68 24.24 17.68
CA LEU B 320 18.70 22.90 17.13
C LEU B 320 18.47 22.88 15.63
N PHE B 321 19.35 22.13 14.96
CA PHE B 321 19.18 21.76 13.54
C PHE B 321 18.94 20.26 13.53
N ALA B 322 17.86 19.81 12.90
CA ALA B 322 17.45 18.43 12.91
C ALA B 322 17.15 17.96 11.50
N VAL B 323 17.39 16.69 11.23
CA VAL B 323 17.10 16.13 9.92
C VAL B 323 16.34 14.85 10.18
N PHE B 324 15.62 14.37 9.17
CA PHE B 324 14.91 13.11 9.29
C PHE B 324 14.80 12.48 7.92
N ALA B 325 14.58 11.18 7.91
CA ALA B 325 14.52 10.36 6.69
C ALA B 325 13.67 9.13 6.96
N ALA B 326 12.83 8.73 6.02
CA ALA B 326 11.96 7.59 6.24
C ALA B 326 11.50 6.96 4.93
N LYS B 327 11.07 5.69 5.01
CA LYS B 327 10.58 4.98 3.83
C LYS B 327 9.25 4.31 4.08
N SER B 328 8.42 4.23 3.04
CA SER B 328 7.11 3.63 3.19
C SER B 328 7.22 2.14 3.01
N GLU B 329 6.20 1.43 3.45
CA GLU B 329 6.12 -0.01 3.39
C GLU B 329 5.58 -0.44 2.06
N ASN B 330 6.46 -0.42 1.09
CA ASN B 330 6.27 -1.00 -0.21
C ASN B 330 5.27 -0.39 -1.18
N GLY B 331 5.39 -0.89 -2.40
CA GLY B 331 4.46 -0.80 -3.49
C GLY B 331 3.93 -2.22 -3.66
N GLU B 332 3.15 -2.46 -4.72
CA GLU B 332 2.75 -1.40 -5.62
C GLU B 332 1.59 -0.63 -5.01
N THR B 333 1.77 0.68 -4.93
CA THR B 333 0.64 1.56 -4.67
C THR B 333 0.27 2.20 -5.99
N THR B 334 -1.02 2.44 -6.20
CA THR B 334 -1.45 3.26 -7.31
C THR B 334 -0.88 4.68 -7.12
N THR B 335 -0.33 5.25 -8.20
CA THR B 335 0.23 6.60 -8.14
C THR B 335 -0.31 7.51 -9.21
N GLU B 336 -0.30 8.81 -8.92
CA GLU B 336 -0.69 9.79 -9.91
C GLU B 336 0.48 10.71 -10.21
N ARG B 337 0.71 10.98 -11.49
CA ARG B 337 1.86 11.78 -11.88
C ARG B 337 1.63 13.26 -11.61
N ILE B 338 2.59 13.93 -10.99
CA ILE B 338 2.45 15.34 -10.67
C ILE B 338 3.37 16.21 -11.53
N ILE B 339 4.43 15.61 -12.06
CA ILE B 339 5.49 16.37 -12.73
C ILE B 339 6.07 15.64 -13.94
N ASP B 340 6.29 16.38 -15.03
CA ASP B 340 7.18 15.94 -16.09
C ASP B 340 8.41 16.85 -16.11
N ALA B 341 9.60 16.26 -16.21
CA ALA B 341 10.82 17.03 -16.42
C ALA B 341 11.90 16.17 -17.07
N THR B 342 12.11 16.37 -18.37
CA THR B 342 12.98 15.52 -19.18
C THR B 342 13.95 16.34 -20.02
N LYS B 343 15.18 15.85 -20.15
CA LYS B 343 16.19 16.44 -21.02
C LYS B 343 16.52 15.49 -22.15
N ILE B 344 16.72 16.01 -23.35
CA ILE B 344 17.09 15.17 -24.47
C ILE B 344 18.41 15.61 -25.09
N ASP B 345 19.46 14.83 -24.86
CA ASP B 345 20.77 15.14 -25.42
C ASP B 345 20.72 15.06 -26.95
N LEU B 346 21.50 15.93 -27.61
CA LEU B 346 21.49 15.97 -29.06
C LEU B 346 22.81 15.49 -29.65
N THR B 347 23.32 14.38 -29.12
CA THR B 347 24.44 13.67 -29.72
C THR B 347 24.20 12.16 -29.56
N GLN B 348 23.43 11.79 -28.54
CA GLN B 348 23.00 10.42 -28.32
C GLN B 348 21.52 10.27 -28.63
N PHE B 349 20.81 11.39 -28.61
CA PHE B 349 19.36 11.42 -28.79
C PHE B 349 18.68 10.46 -27.82
N ASN B 350 19.05 10.56 -26.56
CA ASN B 350 18.39 9.84 -25.48
C ASN B 350 17.84 10.82 -24.44
N ALA B 351 17.01 10.32 -23.54
CA ALA B 351 16.31 11.18 -22.60
C ALA B 351 16.58 10.80 -21.14
N LYS B 352 17.05 11.78 -20.37
CA LYS B 352 17.31 11.59 -18.93
C LYS B 352 16.39 12.48 -18.09
N GLU B 353 16.14 12.06 -16.85
CA GLU B 353 15.27 12.81 -15.96
C GLU B 353 15.97 14.06 -15.43
N LEU B 354 15.19 15.13 -15.28
CA LEU B 354 15.66 16.33 -14.62
C LEU B 354 15.16 16.38 -13.19
N ASN B 355 15.94 16.99 -12.31
CA ASN B 355 15.43 17.28 -10.99
C ASN B 355 14.41 18.38 -11.16
N ASN B 356 13.24 18.25 -10.53
CA ASN B 356 12.27 19.32 -10.47
C ASN B 356 11.38 19.17 -9.25
N PHE B 357 11.03 20.27 -8.58
CA PHE B 357 10.31 20.18 -7.31
C PHE B 357 8.82 20.53 -7.41
N GLY B 358 8.33 20.66 -8.63
CA GLY B 358 6.94 21.02 -8.87
C GLY B 358 6.72 22.39 -9.47
N ASP B 359 7.83 23.08 -9.78
CA ASP B 359 7.79 24.35 -10.53
C ASP B 359 8.37 24.15 -11.94
N ALA B 360 7.51 24.16 -12.96
CA ALA B 360 7.97 23.94 -14.32
C ALA B 360 8.74 25.15 -14.89
N SER B 361 8.60 26.30 -14.26
CA SER B 361 9.21 27.52 -14.76
C SER B 361 10.60 27.77 -14.15
N VAL B 362 11.16 26.72 -13.58
CA VAL B 362 12.50 26.79 -13.02
C VAL B 362 13.28 25.56 -13.48
N LEU B 363 14.52 25.79 -13.96
CA LEU B 363 15.43 24.72 -14.32
C LEU B 363 16.46 24.54 -13.21
N ILE B 364 16.62 23.31 -12.73
CA ILE B 364 17.56 23.04 -11.64
C ILE B 364 18.87 22.44 -12.18
N ILE B 365 19.98 23.13 -11.95
CA ILE B 365 21.29 22.63 -12.35
C ILE B 365 22.30 22.83 -11.21
N ASP B 366 22.88 21.73 -10.73
CA ASP B 366 23.88 21.77 -9.66
C ASP B 366 23.42 22.57 -8.44
N GLY B 367 22.18 22.37 -8.05
CA GLY B 367 21.62 23.11 -6.92
C GLY B 367 21.32 24.56 -7.25
N GLN B 368 21.48 24.93 -8.52
CA GLN B 368 21.16 26.29 -8.94
C GLN B 368 19.86 26.31 -9.73
N LYS B 369 18.95 27.19 -9.32
CA LYS B 369 17.68 27.37 -10.01
C LYS B 369 17.79 28.48 -11.06
N ILE B 370 17.41 28.17 -12.29
CA ILE B 370 17.39 29.13 -13.37
C ILE B 370 15.95 29.49 -13.69
N ASP B 371 15.52 30.72 -13.39
CA ASP B 371 14.18 31.17 -13.75
C ASP B 371 14.05 31.25 -15.28
N LEU B 372 12.99 30.65 -15.81
CA LEU B 372 12.88 30.49 -17.25
C LEU B 372 11.99 31.56 -17.88
N ALA B 373 11.24 32.29 -17.07
CA ALA B 373 10.34 33.32 -17.57
C ALA B 373 11.12 34.59 -17.96
N GLY B 374 10.54 35.39 -18.86
CA GLY B 374 11.13 36.66 -19.23
C GLY B 374 10.13 37.60 -19.90
N VAL B 375 10.63 38.71 -20.43
CA VAL B 375 9.75 39.73 -20.97
C VAL B 375 9.31 39.39 -22.38
N ASN B 376 10.02 38.44 -23.01
CA ASN B 376 9.68 38.06 -24.38
C ASN B 376 8.86 36.78 -24.46
N PHE B 377 8.43 36.45 -25.67
CA PHE B 377 7.66 35.25 -25.90
C PHE B 377 8.46 34.01 -25.52
N LYS B 378 9.66 33.90 -26.07
CA LYS B 378 10.62 32.96 -25.51
C LYS B 378 11.84 33.74 -25.06
N ASN B 379 12.54 33.20 -24.08
CA ASN B 379 13.60 33.94 -23.42
C ASN B 379 14.88 33.14 -23.23
N SER B 380 16.00 33.83 -23.40
CA SER B 380 17.31 33.23 -23.23
C SER B 380 17.94 33.62 -21.89
N LYS B 381 18.34 32.63 -21.11
CA LYS B 381 19.06 32.88 -19.86
C LYS B 381 20.48 32.34 -19.97
N THR B 382 21.43 33.16 -19.57
CA THR B 382 22.84 32.78 -19.59
C THR B 382 23.33 32.86 -18.17
N VAL B 383 23.92 31.78 -17.68
CA VAL B 383 24.35 31.73 -16.30
C VAL B 383 25.50 30.76 -16.13
N GLU B 384 26.40 31.11 -15.24
CA GLU B 384 27.55 30.29 -14.97
C GLU B 384 27.39 29.53 -13.69
N ILE B 385 27.36 28.23 -13.78
CA ILE B 385 27.19 27.42 -12.59
C ILE B 385 28.41 26.54 -12.40
N ASN B 386 29.20 26.86 -11.38
CA ASN B 386 30.34 26.05 -10.98
C ASN B 386 31.33 25.83 -12.12
N GLY B 387 31.63 26.90 -12.85
CA GLY B 387 32.63 26.85 -13.90
C GLY B 387 32.07 26.57 -15.28
N LYS B 388 30.80 26.19 -15.35
CA LYS B 388 30.13 25.94 -16.61
C LYS B 388 29.23 27.12 -16.99
N THR B 389 29.43 27.70 -18.17
CA THR B 389 28.52 28.71 -18.67
C THR B 389 27.34 28.05 -19.39
N MET B 390 26.17 28.06 -18.75
CA MET B 390 24.98 27.42 -19.29
C MET B 390 24.07 28.43 -19.99
N VAL B 391 23.55 28.05 -21.16
CA VAL B 391 22.56 28.85 -21.85
C VAL B 391 21.26 28.06 -22.03
N ALA B 392 20.14 28.70 -21.69
CA ALA B 392 18.84 28.07 -21.84
C ALA B 392 17.91 29.01 -22.57
N VAL B 393 17.28 28.50 -23.62
CA VAL B 393 16.28 29.27 -24.35
C VAL B 393 14.94 28.61 -24.11
N ALA B 394 14.11 29.24 -23.28
CA ALA B 394 12.87 28.63 -22.83
C ALA B 394 11.65 29.32 -23.42
N CYS B 395 10.72 28.49 -23.88
CA CYS B 395 9.44 28.94 -24.42
C CYS B 395 8.33 28.32 -23.57
N CYS B 396 7.17 28.97 -23.42
CA CYS B 396 6.89 30.31 -23.92
C CYS B 396 6.01 31.07 -22.94
N SER B 397 5.88 32.37 -23.17
CA SER B 397 5.17 33.25 -22.24
C SER B 397 3.68 32.94 -22.07
N ASN B 398 3.05 32.33 -23.07
CA ASN B 398 1.62 32.04 -22.96
C ASN B 398 1.34 30.72 -22.25
N LEU B 399 2.40 30.01 -21.88
CA LEU B 399 2.26 28.76 -21.13
C LEU B 399 2.58 29.00 -19.65
N GLU B 400 1.59 28.80 -18.79
CA GLU B 400 1.75 29.13 -17.37
C GLU B 400 2.21 27.94 -16.51
N TYR B 401 2.04 26.71 -17.01
CA TYR B 401 2.28 25.53 -16.18
C TYR B 401 3.23 24.53 -16.84
N MET B 402 3.90 24.99 -17.89
CA MET B 402 4.92 24.19 -18.57
C MET B 402 5.92 25.08 -19.29
N LYS B 403 7.12 24.55 -19.48
CA LYS B 403 8.12 25.19 -20.33
C LYS B 403 8.84 24.10 -21.11
N PHE B 404 9.40 24.52 -22.25
CA PHE B 404 10.29 23.66 -23.02
C PHE B 404 11.29 24.56 -23.73
N GLY B 405 12.35 23.97 -24.27
CA GLY B 405 13.31 24.75 -25.03
C GLY B 405 14.65 24.08 -25.18
N GLN B 406 15.68 24.90 -25.40
CA GLN B 406 17.01 24.39 -25.63
C GLN B 406 17.91 24.60 -24.42
N LEU B 407 18.93 23.77 -24.31
CA LEU B 407 19.91 23.91 -23.25
C LEU B 407 21.28 23.40 -23.72
N TRP B 408 22.30 24.25 -23.66
CA TRP B 408 23.66 23.81 -23.98
C TRP B 408 24.67 24.49 -23.09
N GLN B 409 25.94 24.22 -23.31
CA GLN B 409 27.01 24.87 -22.56
C GLN B 409 27.99 25.61 -23.47
N LYS B 410 28.18 26.90 -23.22
CA LYS B 410 29.13 27.69 -24.02
C LYS B 410 30.57 27.30 -23.69
N GLN B 415 33.58 26.75 -28.12
CA GLN B 415 32.37 26.43 -28.89
C GLN B 415 31.22 26.02 -27.96
N VAL B 416 30.27 25.25 -28.48
CA VAL B 416 29.06 24.87 -27.73
C VAL B 416 29.06 23.37 -27.32
N LYS B 417 28.90 23.12 -26.02
CA LYS B 417 28.96 21.76 -25.49
C LYS B 417 27.61 21.24 -25.01
N ASP B 418 27.47 19.91 -25.00
CA ASP B 418 26.32 19.20 -24.44
C ASP B 418 24.98 19.72 -24.91
N ASN B 419 24.87 20.01 -26.20
CA ASN B 419 23.62 20.45 -26.82
C ASN B 419 22.47 19.52 -26.45
N SER B 420 21.33 20.10 -26.09
CA SER B 420 20.18 19.31 -25.63
C SER B 420 18.85 20.05 -25.69
N LEU B 421 17.76 19.30 -25.53
CA LEU B 421 16.42 19.87 -25.41
C LEU B 421 15.88 19.55 -24.03
N PHE B 422 14.94 20.36 -23.53
CA PHE B 422 14.27 20.04 -22.27
C PHE B 422 12.78 20.31 -22.35
N LEU B 423 12.04 19.63 -21.47
CA LEU B 423 10.61 19.86 -21.30
C LEU B 423 10.21 19.63 -19.86
N GLN B 424 9.49 20.59 -19.26
CA GLN B 424 9.00 20.44 -17.89
C GLN B 424 7.52 20.84 -17.78
N GLY B 425 6.77 20.16 -16.91
CA GLY B 425 5.37 20.48 -16.72
C GLY B 425 4.78 20.10 -15.37
N GLU B 426 3.70 20.79 -15.00
CA GLU B 426 2.94 20.52 -13.79
C GLU B 426 1.61 19.86 -14.17
N ARG B 427 1.55 18.54 -14.00
CA ARG B 427 0.40 17.76 -14.46
C ARG B 427 -0.93 18.22 -13.88
N THR B 428 -1.95 18.21 -14.73
CA THR B 428 -3.33 18.38 -14.28
C THR B 428 -3.66 17.21 -13.35
N ALA B 429 -4.31 17.50 -12.23
CA ALA B 429 -4.82 16.42 -11.39
C ALA B 429 -5.80 15.59 -12.21
N THR B 430 -5.77 14.27 -12.04
CA THR B 430 -6.55 13.38 -12.88
C THR B 430 -8.06 13.63 -12.77
N ASP B 431 -8.53 13.95 -11.58
CA ASP B 431 -9.96 14.21 -11.39
C ASP B 431 -10.35 15.66 -11.75
N LYS B 432 -9.44 16.37 -12.40
CA LYS B 432 -9.72 17.69 -12.94
C LYS B 432 -9.55 17.65 -14.45
N MET B 433 -9.31 16.46 -14.99
CA MET B 433 -9.25 16.28 -16.43
C MET B 433 -10.65 16.41 -17.00
N PRO B 434 -10.76 17.05 -18.17
CA PRO B 434 -12.06 17.24 -18.83
C PRO B 434 -12.60 15.95 -19.44
N ALA B 435 -13.84 15.60 -19.11
CA ALA B 435 -14.50 14.46 -19.75
C ALA B 435 -15.29 14.93 -20.95
N GLY B 436 -14.73 14.73 -22.15
CA GLY B 436 -15.29 15.29 -23.37
C GLY B 436 -15.08 16.80 -23.42
N GLY B 437 -15.10 17.37 -24.62
CA GLY B 437 -15.25 16.62 -25.85
C GLY B 437 -14.12 16.96 -26.80
N ASN B 438 -14.38 17.83 -27.76
CA ASN B 438 -13.37 18.23 -28.75
C ASN B 438 -12.74 19.59 -28.43
N TYR B 439 -11.43 19.68 -28.54
CA TYR B 439 -10.70 20.92 -28.24
C TYR B 439 -9.45 21.09 -29.10
N LYS B 440 -9.10 22.34 -29.41
CA LYS B 440 -7.94 22.63 -30.25
C LYS B 440 -6.78 23.24 -29.46
N TYR B 441 -5.59 22.69 -29.64
CA TYR B 441 -4.39 23.20 -29.00
C TYR B 441 -3.38 23.67 -30.05
N VAL B 442 -2.89 24.89 -29.91
CA VAL B 442 -1.89 25.42 -30.84
C VAL B 442 -0.68 25.94 -30.09
N GLY B 443 0.50 25.61 -30.59
CA GLY B 443 1.74 26.09 -30.00
C GLY B 443 2.89 26.04 -30.98
N THR B 444 4.03 25.55 -30.49
CA THR B 444 5.24 25.51 -31.28
C THR B 444 6.14 24.39 -30.77
N TRP B 445 7.44 24.43 -31.10
CA TRP B 445 8.36 23.36 -30.71
C TRP B 445 9.81 23.69 -31.01
N ASP B 446 10.71 22.84 -30.51
CA ASP B 446 12.14 22.88 -30.87
C ASP B 446 12.58 21.48 -31.27
N ALA B 447 13.46 21.37 -32.27
CA ALA B 447 13.93 20.06 -32.72
C ALA B 447 15.27 20.10 -33.46
N LEU B 448 15.96 18.96 -33.52
CA LEU B 448 17.10 18.80 -34.41
C LEU B 448 16.98 17.46 -35.15
N VAL B 449 17.06 17.54 -36.48
CA VAL B 449 17.16 16.36 -37.35
C VAL B 449 18.55 16.31 -37.99
N SER B 450 19.22 15.17 -37.91
CA SER B 450 20.58 15.08 -38.43
C SER B 450 20.84 13.83 -39.29
N LYS B 451 20.69 13.97 -40.60
CA LYS B 451 21.09 12.92 -41.54
C LYS B 451 22.53 13.16 -41.98
N GLY B 452 22.68 14.05 -42.95
CA GLY B 452 23.99 14.55 -43.34
C GLY B 452 24.01 16.02 -43.01
N THR B 453 23.01 16.75 -43.53
CA THR B 453 22.75 18.11 -43.11
C THR B 453 22.05 18.03 -41.76
N ASN B 454 22.07 19.11 -41.01
CA ASN B 454 21.33 19.18 -39.76
C ASN B 454 20.15 20.12 -39.86
N TRP B 455 18.94 19.57 -39.76
CA TRP B 455 17.72 20.38 -39.83
C TRP B 455 17.25 20.78 -38.43
N ILE B 456 16.77 22.02 -38.32
CA ILE B 456 16.52 22.62 -37.03
C ILE B 456 15.16 23.28 -36.91
N ALA B 457 14.48 23.01 -35.79
CA ALA B 457 13.21 23.66 -35.47
C ALA B 457 13.40 24.61 -34.28
N GLU B 458 12.97 25.86 -34.44
CA GLU B 458 13.12 26.85 -33.39
C GLU B 458 11.76 27.44 -33.03
N ALA B 459 11.49 27.55 -31.73
CA ALA B 459 10.18 28.00 -31.24
C ALA B 459 9.89 29.45 -31.60
N ASP B 460 8.66 29.72 -32.05
CA ASP B 460 8.21 31.10 -32.26
C ASP B 460 6.70 31.25 -32.14
N ASN B 461 6.22 32.49 -32.19
CA ASN B 461 4.79 32.77 -32.12
C ASN B 461 4.23 33.19 -33.49
N ASN B 462 4.94 32.81 -34.55
CA ASN B 462 4.44 33.03 -35.90
C ASN B 462 3.34 32.03 -36.21
N ARG B 463 2.14 32.33 -35.72
CA ARG B 463 1.00 31.42 -35.83
C ARG B 463 0.71 31.02 -37.27
N GLU B 464 0.89 31.95 -38.18
CA GLU B 464 0.46 31.76 -39.56
C GLU B 464 1.56 31.22 -40.47
N SER B 465 2.80 31.64 -40.23
CA SER B 465 3.87 31.41 -41.20
C SER B 465 5.05 30.59 -40.67
N GLY B 466 5.20 30.51 -39.35
CA GLY B 466 6.40 29.95 -38.75
C GLY B 466 6.31 28.53 -38.25
N TYR B 467 7.04 28.26 -37.16
CA TYR B 467 7.12 26.92 -36.57
C TYR B 467 5.92 26.63 -35.70
N ARG B 468 4.89 26.03 -36.29
CA ARG B 468 3.63 25.82 -35.59
C ARG B 468 3.45 24.36 -35.18
N THR B 469 2.65 24.16 -34.14
CA THR B 469 2.10 22.85 -33.82
C THR B 469 0.59 23.03 -33.62
N GLU B 470 -0.18 22.14 -34.21
CA GLU B 470 -1.63 22.15 -34.05
C GLU B 470 -2.10 20.82 -33.52
N PHE B 471 -2.98 20.85 -32.52
CA PHE B 471 -3.44 19.62 -31.89
C PHE B 471 -4.95 19.53 -31.79
N ASP B 472 -5.47 18.37 -32.15
CA ASP B 472 -6.87 18.06 -31.92
C ASP B 472 -6.97 17.01 -30.83
N VAL B 473 -7.58 17.40 -29.71
CA VAL B 473 -7.68 16.53 -28.55
C VAL B 473 -9.14 16.20 -28.22
N ASN B 474 -9.52 14.96 -28.43
CA ASN B 474 -10.85 14.51 -28.03
C ASN B 474 -10.79 13.77 -26.69
N PHE B 475 -11.44 14.35 -25.69
CA PHE B 475 -11.46 13.76 -24.36
C PHE B 475 -12.53 12.68 -24.25
N SER B 476 -13.47 12.68 -25.20
CA SER B 476 -14.54 11.70 -25.18
C SER B 476 -13.99 10.29 -25.46
N ASP B 477 -13.31 10.12 -26.59
CA ASP B 477 -12.73 8.83 -26.94
C ASP B 477 -11.26 8.75 -26.54
N LYS B 478 -10.82 9.74 -25.77
CA LYS B 478 -9.48 9.75 -25.18
C LYS B 478 -8.36 9.60 -26.22
N LYS B 479 -8.30 10.52 -27.17
CA LYS B 479 -7.29 10.40 -28.21
C LYS B 479 -6.70 11.76 -28.62
N VAL B 480 -5.41 11.74 -28.93
CA VAL B 480 -4.68 12.96 -29.30
C VAL B 480 -4.02 12.85 -30.67
N ASN B 481 -4.25 13.84 -31.52
CA ASN B 481 -3.62 13.91 -32.84
C ASN B 481 -3.06 15.30 -33.11
N GLY B 482 -1.88 15.36 -33.72
CA GLY B 482 -1.23 16.63 -33.90
C GLY B 482 -0.35 16.80 -35.13
N LYS B 483 -0.19 18.06 -35.54
CA LYS B 483 0.63 18.41 -36.68
C LYS B 483 1.78 19.32 -36.24
N LEU B 484 3.01 18.86 -36.48
CA LEU B 484 4.21 19.65 -36.15
C LEU B 484 4.94 20.02 -37.42
N PHE B 485 5.18 21.29 -37.65
CA PHE B 485 5.60 21.72 -38.97
C PHE B 485 6.77 22.72 -38.99
N ASP B 486 7.27 22.94 -40.21
CA ASP B 486 8.43 23.77 -40.50
C ASP B 486 8.24 24.97 -41.45
N LYS B 487 7.79 26.11 -40.98
CA LYS B 487 8.12 27.41 -41.56
C LYS B 487 8.05 27.70 -43.08
N GLY B 488 6.86 27.64 -43.63
CA GLY B 488 6.50 27.65 -45.04
C GLY B 488 5.83 26.33 -45.42
N GLY B 489 4.54 26.22 -45.14
CA GLY B 489 3.80 24.97 -45.36
C GLY B 489 2.49 25.21 -46.05
N VAL B 490 1.85 24.22 -46.68
CA VAL B 490 2.07 22.74 -46.72
C VAL B 490 2.18 21.95 -45.41
N ASN B 491 2.21 20.63 -45.62
CA ASN B 491 1.94 19.61 -44.61
C ASN B 491 2.90 19.61 -43.42
N PRO B 492 2.43 19.06 -42.29
CA PRO B 492 3.27 18.84 -41.10
C PRO B 492 4.45 17.92 -41.38
N VAL B 493 5.65 18.37 -41.06
CA VAL B 493 6.85 17.54 -41.23
C VAL B 493 6.83 16.38 -40.24
N PHE B 494 5.93 16.46 -39.27
CA PHE B 494 5.72 15.43 -38.26
C PHE B 494 4.25 15.39 -37.83
N THR B 495 3.71 14.20 -37.62
CA THR B 495 2.37 14.04 -37.06
C THR B 495 2.41 13.05 -35.91
N VAL B 496 1.49 13.22 -34.96
CA VAL B 496 1.45 12.33 -33.80
C VAL B 496 0.07 11.70 -33.61
N ASP B 497 0.08 10.46 -33.12
CA ASP B 497 -1.14 9.75 -32.78
C ASP B 497 -0.93 9.13 -31.41
N ALA B 498 -1.80 9.47 -30.45
CA ALA B 498 -1.62 8.97 -29.09
C ALA B 498 -2.96 8.79 -28.37
N THR B 499 -2.88 8.28 -27.15
CA THR B 499 -4.09 8.00 -26.37
C THR B 499 -4.02 8.62 -24.97
N ILE B 500 -5.09 9.32 -24.59
CA ILE B 500 -5.19 9.90 -23.26
C ILE B 500 -5.40 8.87 -22.18
N ASN B 501 -4.39 8.69 -21.34
CA ASN B 501 -4.52 7.84 -20.18
C ASN B 501 -4.16 8.61 -18.92
N GLY B 502 -5.16 8.85 -18.07
CA GLY B 502 -4.94 9.57 -16.83
C GLY B 502 -4.85 11.05 -17.08
N ASN B 503 -3.72 11.65 -16.71
CA ASN B 503 -3.47 13.05 -17.02
C ASN B 503 -2.32 13.21 -18.01
N GLY B 504 -2.09 12.19 -18.83
CA GLY B 504 -1.07 12.26 -19.86
C GLY B 504 -1.52 11.47 -21.08
N PHE B 505 -0.71 11.53 -22.14
CA PHE B 505 -0.96 10.70 -23.29
C PHE B 505 0.33 10.02 -23.73
N ILE B 506 0.19 9.00 -24.57
CA ILE B 506 1.33 8.19 -24.99
C ILE B 506 1.03 7.57 -26.35
N GLY B 507 1.96 7.68 -27.27
CA GLY B 507 1.73 7.25 -28.65
C GLY B 507 2.93 7.27 -29.58
N SER B 508 2.67 7.54 -30.85
CA SER B 508 3.73 7.51 -31.86
C SER B 508 3.69 8.74 -32.75
N ALA B 509 4.88 9.18 -33.16
CA ALA B 509 5.01 10.25 -34.13
C ALA B 509 5.67 9.71 -35.40
N LYS B 510 5.36 10.32 -36.54
CA LYS B 510 5.90 9.84 -37.81
C LYS B 510 5.88 10.91 -38.91
N THR B 511 6.78 10.75 -39.88
CA THR B 511 6.91 11.68 -41.00
C THR B 511 5.91 11.35 -42.09
N SER B 512 6.10 11.97 -43.25
CA SER B 512 5.39 11.57 -44.46
C SER B 512 5.98 10.25 -44.95
N ASP B 513 5.33 9.65 -45.94
CA ASP B 513 5.84 8.44 -46.57
C ASP B 513 7.18 8.74 -47.23
N SER B 514 7.29 9.94 -47.78
CA SER B 514 8.50 10.38 -48.46
C SER B 514 9.53 10.96 -47.50
N GLY B 515 9.05 11.60 -46.44
CA GLY B 515 9.92 12.32 -45.52
C GLY B 515 9.90 13.79 -45.86
N PHE B 516 11.02 14.48 -45.67
CA PHE B 516 11.10 15.90 -46.02
C PHE B 516 12.54 16.39 -46.22
N ALA B 517 12.67 17.41 -47.05
CA ALA B 517 13.97 17.97 -47.46
C ALA B 517 14.84 18.39 -46.27
N LEU B 518 16.02 17.80 -46.20
CA LEU B 518 16.97 18.04 -45.12
C LEU B 518 17.25 19.53 -44.91
N ASN B 527 15.93 12.07 -48.66
CA ASN B 527 15.87 12.89 -47.45
C ASN B 527 15.62 12.05 -46.19
N ALA B 528 14.98 12.62 -45.18
CA ALA B 528 14.86 11.97 -43.88
C ALA B 528 13.47 11.36 -43.63
N VAL B 529 13.45 10.12 -43.14
CA VAL B 529 12.21 9.38 -42.96
C VAL B 529 12.10 8.70 -41.59
N PHE B 530 10.94 8.87 -40.94
CA PHE B 530 10.67 8.28 -39.63
C PHE B 530 9.26 7.68 -39.52
N SER B 531 9.10 6.72 -38.61
CA SER B 531 7.78 6.21 -38.26
C SER B 531 7.83 5.42 -36.95
N ASP B 532 6.70 5.44 -36.23
CA ASP B 532 6.55 4.72 -34.97
C ASP B 532 7.65 5.05 -33.96
N ILE B 533 7.90 6.34 -33.77
CA ILE B 533 8.75 6.80 -32.69
C ILE B 533 7.88 7.15 -31.50
N LYS B 534 8.16 6.54 -30.35
CA LYS B 534 7.35 6.74 -29.17
C LYS B 534 7.38 8.20 -28.74
N VAL B 535 6.20 8.77 -28.51
CA VAL B 535 6.10 10.13 -28.01
C VAL B 535 5.26 10.18 -26.74
N ASN B 536 5.89 10.56 -25.63
CA ASN B 536 5.21 10.69 -24.35
C ASN B 536 4.86 12.14 -24.07
N GLY B 537 3.64 12.37 -23.60
CA GLY B 537 3.19 13.72 -23.34
C GLY B 537 2.35 13.83 -22.10
N GLY B 538 2.09 15.06 -21.66
CA GLY B 538 1.27 15.29 -20.49
C GLY B 538 0.26 16.41 -20.67
N PHE B 539 -0.67 16.52 -19.72
CA PHE B 539 -1.59 17.65 -19.65
C PHE B 539 -1.22 18.48 -18.43
N TYR B 540 -1.19 19.79 -18.59
CA TYR B 540 -0.70 20.62 -17.51
C TYR B 540 -1.68 21.70 -17.13
N GLY B 541 -1.56 22.20 -15.91
CA GLY B 541 -2.44 23.26 -15.45
C GLY B 541 -3.67 22.69 -14.78
N PRO B 542 -4.42 23.56 -14.08
CA PRO B 542 -5.56 23.17 -13.23
C PRO B 542 -6.64 22.39 -13.97
N THR B 543 -6.82 22.65 -15.26
CA THR B 543 -7.87 22.00 -16.03
C THR B 543 -7.38 21.61 -17.43
N ALA B 544 -6.12 21.20 -17.51
CA ALA B 544 -5.52 20.70 -18.75
C ALA B 544 -5.53 21.71 -19.90
N GLY B 545 -5.43 23.00 -19.56
CA GLY B 545 -5.41 24.06 -20.55
C GLY B 545 -4.13 24.13 -21.36
N GLU B 546 -3.17 23.27 -21.02
CA GLU B 546 -1.90 23.22 -21.73
C GLU B 546 -1.49 21.76 -21.89
N LEU B 547 -0.84 21.44 -23.01
CA LEU B 547 -0.25 20.12 -23.17
C LEU B 547 1.16 20.24 -23.75
N GLY B 548 1.95 19.20 -23.54
CA GLY B 548 3.31 19.16 -24.07
C GLY B 548 3.76 17.73 -24.20
N GLY B 549 4.87 17.52 -24.92
CA GLY B 549 5.37 16.18 -25.12
C GLY B 549 6.74 16.14 -25.78
N GLN B 550 7.32 14.96 -25.81
CA GLN B 550 8.64 14.77 -26.36
C GLN B 550 8.75 13.45 -27.12
N PHE B 551 9.62 13.41 -28.13
CA PHE B 551 9.98 12.15 -28.77
C PHE B 551 11.43 12.17 -29.25
N HIS B 552 12.10 11.03 -29.10
CA HIS B 552 13.52 10.95 -29.41
C HIS B 552 13.88 9.63 -30.10
N HIS B 553 14.66 9.72 -31.17
CA HIS B 553 15.18 8.52 -31.82
C HIS B 553 16.38 8.82 -32.69
N LYS B 554 17.43 8.03 -32.51
CA LYS B 554 18.61 8.12 -33.36
C LYS B 554 18.79 6.85 -34.16
N SER B 555 18.25 6.84 -35.37
CA SER B 555 18.42 5.70 -36.27
C SER B 555 19.84 5.73 -36.86
N ASP B 556 20.03 5.06 -37.99
CA ASP B 556 21.29 5.18 -38.71
C ASP B 556 21.09 5.06 -40.24
N ASN B 557 20.83 6.19 -40.87
CA ASN B 557 20.61 7.42 -40.11
C ASN B 557 19.40 8.20 -40.56
N GLY B 558 19.24 9.37 -39.95
CA GLY B 558 17.96 10.02 -39.83
C GLY B 558 17.69 9.94 -38.35
N SER B 559 18.00 11.03 -37.63
CA SER B 559 17.88 11.06 -36.19
C SER B 559 17.19 12.33 -35.73
N VAL B 560 16.26 12.19 -34.79
CA VAL B 560 15.43 13.31 -34.38
C VAL B 560 15.37 13.47 -32.87
N GLY B 561 15.43 14.71 -32.43
CA GLY B 561 15.16 15.06 -31.04
C GLY B 561 14.22 16.25 -31.04
N ALA B 562 13.05 16.10 -30.42
CA ALA B 562 12.05 17.15 -30.46
C ALA B 562 11.23 17.26 -29.17
N VAL B 563 10.94 18.49 -28.77
CA VAL B 563 10.00 18.77 -27.69
C VAL B 563 8.95 19.76 -28.22
N PHE B 564 7.74 19.70 -27.68
CA PHE B 564 6.65 20.57 -28.14
C PHE B 564 5.67 20.93 -27.02
N GLY B 565 4.99 22.07 -27.20
CA GLY B 565 4.01 22.56 -26.24
C GLY B 565 2.88 23.31 -26.94
N ALA B 566 1.69 23.32 -26.32
CA ALA B 566 0.52 23.89 -26.96
C ALA B 566 -0.53 24.32 -25.95
N LYS B 567 -1.29 25.35 -26.31
CA LYS B 567 -2.26 25.96 -25.40
C LYS B 567 -3.67 25.84 -25.96
N ARG B 568 -4.62 25.52 -25.07
CA ARG B 568 -6.00 25.29 -25.49
C ARG B 568 -6.63 26.56 -26.07
N GLN B 569 -7.34 26.38 -27.18
CA GLN B 569 -7.92 27.49 -27.93
C GLN B 569 -9.42 27.61 -27.66
N ILE B 570 -9.99 28.77 -27.98
CA ILE B 570 -11.44 28.97 -27.95
C ILE B 570 -11.97 29.40 -29.31
C1 GOL C . -25.20 -19.14 12.99
O1 GOL C . -24.50 -20.30 13.37
C2 GOL C . -24.22 -17.98 12.83
O2 GOL C . -24.31 -17.46 11.54
C3 GOL C . -24.44 -16.87 13.87
O3 GOL C . -23.43 -15.87 13.76
C1 GOL D . -28.38 -16.16 10.49
O1 GOL D . -27.24 -16.83 11.01
C2 GOL D . -28.41 -16.32 8.98
O2 GOL D . -29.76 -16.27 8.55
C3 GOL D . -27.63 -15.18 8.33
O3 GOL D . -27.19 -15.57 7.05
C1 GOL E . 27.40 19.96 -1.95
O1 GOL E . 27.42 21.16 -2.70
C2 GOL E . 27.01 18.76 -2.81
O2 GOL E . 27.98 18.50 -3.82
C3 GOL E . 26.61 17.51 -1.99
O3 GOL E . 27.52 17.08 -0.99
S SO4 F . 23.98 0.22 27.61
O1 SO4 F . 24.73 1.48 27.58
O2 SO4 F . 23.45 -0.03 26.27
O3 SO4 F . 24.86 -0.88 27.96
O4 SO4 F . 22.91 0.29 28.61
#